data_7WCN
#
_entry.id   7WCN
#
_cell.length_a   1.00
_cell.length_b   1.00
_cell.length_c   1.00
_cell.angle_alpha   90.00
_cell.angle_beta   90.00
_cell.angle_gamma   90.00
#
_symmetry.space_group_name_H-M   'P 1'
#
loop_
_entity.id
_entity.type
_entity.pdbx_description
1 polymer 'Guanine nucleotide-binding protein G(s) subunit alpha isoforms short'
2 polymer 'Guanine nucleotide-binding protein G(I)/G(S)/G(T) subunit beta-1'
3 polymer 'Guanine nucleotide-binding protein G(I)/G(S)/G(O) subunit gamma-2'
4 polymer Nb35
5 polymer 'Glucose-dependent insulinotropic receptor'
6 non-polymer N-(2-fluoranyl-4-methylsulfonyl-phenyl)-5-nitro-6-[4-(3-propan-2-yl-1,2,4-oxadiazol-5-yl)piperidin-1-yl]pyrimidin-4-amine
#
loop_
_entity_poly.entity_id
_entity_poly.type
_entity_poly.pdbx_seq_one_letter_code
_entity_poly.pdbx_strand_id
1 'polypeptide(L)'
;MGCLGNSKTEDQRNEEKAQREANKKIEKQLQKDKQVYRATHRLLLLGAGESGKNTIVKQMRILHVNGFNGEGGEEDPQAA
RSNSDGEKATKVQDIKNNLKEAIETIVAAMSNLVPPVELANPENQFRVDYILSVMNVPDFDFPPEFYEHAKALWEDEGVR
ACYERSNEYQLIDCAQYFLDKIDVIKQADYVPSDQDLLRCRVLTSGIFETKFQVDKVNFHMFDVGAQRDERRKWIQCFND
VTAIIFVVASSSYNMVIREDNQTNRLQAALKLFDSIWNNKWLRDTSVILFLNKQDLLAEKVLAGKSKIEDYFPEFARYTT
PEDATPEPGEDPRVTRAKYFIRDEFLRISTASGDGRHYCYPHFTCAVDTENIRRVFNDCRDIIQRMHLRQYELL
;
A
2 'polypeptide(L)'
;MHHHHHHGSLLQSELDQLRQEAEQLKNQIRDARKACADATLSQITNNIDPVGRIQMRTRRTLRGHLAKIYAMHWGTDSRL
LVSASQDGKLIIWDSYTTNKVHAIPLRSSWVMTCAYAPSGNYVACGGLDNICSIYNLKTREGNVRVSRELAGHTGYLSCC
RFLDDNQIVTSSGDTTCALWDIETGQQTTTFTGHTGDVMSLSLAPDTRLFVSGACDASAKLWDVREGMCRQTFTGHESDI
NAICFFPNGNAFATGSDDATCRLFDLRADQELMTYSHDNIICGITSVSFSKSGRLLLAGYDDFNCNVWDALKADRAGVLA
GHDNRVSCLGVTDDGMAVATGSWDSFLKIWN
;
B
3 'polypeptide(L)' MASNNTASIAQARKLVEQLKMEANIDRIKVSKAAADLMAYCEAHAKEDPLLTPVPASENPFREKKFFCAIL C
4 'polypeptide(L)'
;QVQLQESGGGLVQPGGSLRLSCAASGFTFSNYKMNWVRQAPGKGLEWVSDISQSGASISYTGSVKGRFTISRDNAKNTLY
LQMNSLKPEDTAVYYCARCPAPFTRDCFDVTSTTYAYRGQGTQVTVSSHHHHHHEPEA
;
N
5 'polypeptide(L)'
;MESSFSFGVILAVLASLIIATNTLVAVAVLLLIHKNDGVSLCFTLNLAVADTLIGVAISGLLTDQLSSPSRPTQKTLCSL
RMAFVTSSAAASVLTVMLITFDRYLAIKQPFRYLKIMSGFVAGACIAGLWLVSYLIGFLPLGIPMFQQTAYKGQCSFFAV
FHPHFVLTLSCVGFFPAMLLFVFFYCDMLKIASMHSQQIRKMEHAGAMAGGYRSPRTPSDFKALRTVSVLIGSFALCWTP
FLITGIVQVACQECHLYLVLERYLWLLGVGNSLLNPLIYAYWQKEVRLQLYHMALGVKKVLTSFLLFLSARNCGPERPRE
SSCHIVTISSSEFDG
;
R
#
loop_
_chem_comp.id
_chem_comp.type
_chem_comp.name
_chem_comp.formula
8WL non-polymer N-(2-fluoranyl-4-methylsulfonyl-phenyl)-5-nitro-6-[4-(3-propan-2-yl-1,2,4-oxadiazol-5-yl)piperidin-1-yl]pyrimidin-4-amine 'C21 H24 F N7 O5 S'
#
# COMPACT_ATOMS: atom_id res chain seq x y z
N THR A 9 -38.11 -25.46 4.94
CA THR A 9 -37.00 -25.90 4.09
C THR A 9 -37.20 -25.44 2.65
N GLU A 10 -38.41 -25.63 2.13
CA GLU A 10 -38.69 -25.24 0.75
C GLU A 10 -38.49 -23.74 0.56
N ASP A 11 -38.95 -22.94 1.52
CA ASP A 11 -38.66 -21.51 1.50
C ASP A 11 -37.16 -21.26 1.58
N GLN A 12 -36.47 -22.02 2.44
CA GLN A 12 -35.03 -21.84 2.56
C GLN A 12 -34.31 -22.21 1.27
N ARG A 13 -34.70 -23.31 0.64
CA ARG A 13 -34.07 -23.69 -0.62
C ARG A 13 -34.33 -22.66 -1.70
N ASN A 14 -35.57 -22.15 -1.76
CA ASN A 14 -35.89 -21.12 -2.75
C ASN A 14 -35.07 -19.86 -2.54
N GLU A 15 -34.96 -19.42 -1.29
CA GLU A 15 -34.16 -18.23 -1.00
C GLU A 15 -32.69 -18.45 -1.32
N GLU A 16 -32.17 -19.65 -1.00
CA GLU A 16 -30.79 -19.95 -1.34
C GLU A 16 -30.55 -19.91 -2.84
N LYS A 17 -31.47 -20.46 -3.62
CA LYS A 17 -31.33 -20.43 -5.07
C LYS A 17 -31.36 -19.00 -5.60
N ALA A 18 -32.31 -18.19 -5.11
CA ALA A 18 -32.39 -16.80 -5.57
C ALA A 18 -31.14 -16.02 -5.22
N GLN A 19 -30.63 -16.21 -4.00
CA GLN A 19 -29.42 -15.52 -3.59
C GLN A 19 -28.23 -15.95 -4.44
N ARG A 20 -28.13 -17.24 -4.76
CA ARG A 20 -27.04 -17.70 -5.61
C ARG A 20 -27.12 -17.09 -7.01
N GLU A 21 -28.33 -17.01 -7.56
CA GLU A 21 -28.47 -16.40 -8.90
C GLU A 21 -28.06 -14.93 -8.87
N ALA A 22 -28.49 -14.19 -7.84
CA ALA A 22 -28.09 -12.79 -7.74
C ALA A 22 -26.59 -12.65 -7.59
N ASN A 23 -25.97 -13.52 -6.80
CA ASN A 23 -24.52 -13.51 -6.67
C ASN A 23 -23.84 -13.77 -8.00
N LYS A 24 -24.38 -14.70 -8.80
CA LYS A 24 -23.78 -15.00 -10.10
C LYS A 24 -23.84 -13.79 -11.04
N LYS A 25 -24.99 -13.11 -11.06
CA LYS A 25 -25.09 -11.91 -11.89
C LYS A 25 -24.10 -10.85 -11.46
N ILE A 26 -23.97 -10.64 -10.14
CA ILE A 26 -23.00 -9.67 -9.63
C ILE A 26 -21.58 -10.07 -10.01
N GLU A 27 -21.28 -11.37 -9.96
CA GLU A 27 -19.94 -11.84 -10.34
C GLU A 27 -19.64 -11.55 -11.80
N LYS A 28 -20.61 -11.76 -12.68
CA LYS A 28 -20.38 -11.45 -14.09
C LYS A 28 -20.08 -9.97 -14.29
N GLN A 29 -20.90 -9.11 -13.67
CA GLN A 29 -20.66 -7.68 -13.81
C GLN A 29 -19.31 -7.28 -13.24
N LEU A 30 -18.92 -7.88 -12.11
CA LEU A 30 -17.62 -7.56 -11.51
C LEU A 30 -16.48 -8.04 -12.38
N GLN A 31 -16.65 -9.17 -13.09
CA GLN A 31 -15.61 -9.63 -14.00
C GLN A 31 -15.41 -8.65 -15.16
N LYS A 32 -16.50 -8.16 -15.74
CA LYS A 32 -16.36 -7.14 -16.78
C LYS A 32 -15.70 -5.87 -16.23
N ASP A 33 -16.09 -5.44 -15.04
CA ASP A 33 -15.50 -4.24 -14.45
C ASP A 33 -14.02 -4.43 -14.15
N LYS A 34 -13.60 -5.63 -13.74
CA LYS A 34 -12.18 -5.88 -13.53
C LYS A 34 -11.43 -5.80 -14.86
N GLN A 35 -12.00 -6.37 -15.92
CA GLN A 35 -11.34 -6.29 -17.21
C GLN A 35 -11.17 -4.84 -17.65
N VAL A 36 -12.14 -3.99 -17.33
CA VAL A 36 -12.00 -2.57 -17.64
C VAL A 36 -10.95 -1.91 -16.77
N TYR A 37 -10.96 -2.21 -15.46
CA TYR A 37 -10.08 -1.54 -14.50
C TYR A 37 -8.62 -1.86 -14.77
N ARG A 38 -8.30 -3.10 -15.13
CA ARG A 38 -6.91 -3.50 -15.31
C ARG A 38 -6.24 -2.75 -16.46
N ALA A 39 -7.01 -2.28 -17.43
CA ALA A 39 -6.47 -1.66 -18.64
C ALA A 39 -6.52 -0.14 -18.62
N THR A 40 -6.77 0.47 -17.46
CA THR A 40 -6.83 1.93 -17.34
C THR A 40 -5.73 2.40 -16.40
N HIS A 41 -4.97 3.39 -16.84
CA HIS A 41 -3.84 3.91 -16.07
C HIS A 41 -4.21 5.25 -15.45
N ARG A 42 -4.02 5.36 -14.15
CA ARG A 42 -4.44 6.51 -13.37
C ARG A 42 -3.22 7.33 -12.97
N LEU A 43 -3.32 8.65 -13.09
CA LEU A 43 -2.23 9.56 -12.83
C LEU A 43 -2.67 10.59 -11.79
N LEU A 44 -1.74 11.03 -10.95
CA LEU A 44 -2.02 12.09 -9.98
C LEU A 44 -1.23 13.33 -10.34
N LEU A 45 -1.93 14.42 -10.64
CA LEU A 45 -1.29 15.68 -10.94
C LEU A 45 -1.04 16.46 -9.64
N LEU A 46 0.16 17.02 -9.51
CA LEU A 46 0.56 17.67 -8.26
C LEU A 46 1.44 18.86 -8.60
N GLY A 47 1.05 20.05 -8.14
CA GLY A 47 1.80 21.25 -8.42
C GLY A 47 1.81 22.27 -7.30
N ALA A 48 1.51 23.51 -7.65
CA ALA A 48 1.39 24.60 -6.68
C ALA A 48 0.47 25.66 -7.28
N GLY A 49 0.43 26.83 -6.65
CA GLY A 49 -0.47 27.88 -7.11
C GLY A 49 -0.11 28.41 -8.49
N GLU A 50 1.17 28.68 -8.72
CA GLU A 50 1.62 29.29 -9.97
C GLU A 50 2.67 28.45 -10.69
N SER A 51 2.83 27.18 -10.31
CA SER A 51 3.82 26.32 -10.93
C SER A 51 3.45 25.90 -12.34
N GLY A 52 2.22 26.17 -12.77
CA GLY A 52 1.74 25.67 -14.04
C GLY A 52 0.45 24.89 -13.82
N LYS A 53 0.45 23.62 -14.22
CA LYS A 53 -0.57 22.66 -13.81
C LYS A 53 -1.91 22.95 -14.48
N ASN A 54 -2.01 24.07 -15.19
CA ASN A 54 -3.22 24.44 -15.90
C ASN A 54 -3.03 24.49 -17.41
N THR A 55 -1.81 24.59 -17.91
CA THR A 55 -1.54 24.36 -19.32
C THR A 55 -1.39 22.88 -19.64
N ILE A 56 -1.24 22.03 -18.62
CA ILE A 56 -1.27 20.59 -18.81
C ILE A 56 -2.69 20.05 -18.71
N VAL A 57 -3.49 20.58 -17.78
CA VAL A 57 -4.90 20.24 -17.72
C VAL A 57 -5.60 20.69 -19.00
N LYS A 58 -5.31 21.92 -19.44
CA LYS A 58 -5.69 22.33 -20.78
C LYS A 58 -4.86 21.57 -21.80
N GLN A 59 -5.30 21.61 -23.05
CA GLN A 59 -4.70 20.87 -24.17
C GLN A 59 -4.54 19.38 -23.87
N MET A 60 -5.34 18.88 -22.93
CA MET A 60 -5.37 17.47 -22.55
C MET A 60 -3.99 16.97 -22.11
N SER A 205 -16.22 20.03 -7.23
CA SER A 205 -16.04 19.27 -6.01
C SER A 205 -14.61 19.33 -5.51
N GLY A 206 -14.19 18.31 -4.76
CA GLY A 206 -12.88 18.23 -4.18
C GLY A 206 -11.84 17.50 -5.00
N ILE A 207 -12.18 17.09 -6.21
CA ILE A 207 -11.21 16.47 -7.11
C ILE A 207 -11.74 16.63 -8.53
N PHE A 208 -10.83 16.88 -9.46
CA PHE A 208 -11.20 17.16 -10.84
C PHE A 208 -10.65 16.06 -11.75
N GLU A 209 -11.51 15.52 -12.59
CA GLU A 209 -11.23 14.36 -13.40
C GLU A 209 -10.79 14.80 -14.80
N THR A 210 -9.92 14.01 -15.42
CA THR A 210 -9.62 14.21 -16.84
C THR A 210 -9.40 12.86 -17.50
N LYS A 211 -10.23 12.55 -18.49
CA LYS A 211 -10.06 11.35 -19.30
C LYS A 211 -9.41 11.74 -20.62
N PHE A 212 -8.39 11.01 -21.02
CA PHE A 212 -7.86 11.19 -22.36
C PHE A 212 -7.34 9.85 -22.88
N GLN A 213 -7.08 9.79 -24.18
CA GLN A 213 -6.74 8.55 -24.84
C GLN A 213 -5.67 8.82 -25.89
N VAL A 214 -4.50 8.23 -25.69
CA VAL A 214 -3.37 8.39 -26.61
C VAL A 214 -2.96 7.02 -27.13
N ASP A 215 -2.86 6.92 -28.46
CA ASP A 215 -2.54 5.66 -29.15
C ASP A 215 -3.45 4.53 -28.67
N LYS A 216 -4.74 4.83 -28.54
CA LYS A 216 -5.78 3.88 -28.15
C LYS A 216 -5.59 3.37 -26.71
N VAL A 217 -4.85 4.10 -25.89
CA VAL A 217 -4.65 3.76 -24.48
C VAL A 217 -5.29 4.82 -23.62
N ASN A 218 -6.01 4.39 -22.59
CA ASN A 218 -6.81 5.28 -21.75
C ASN A 218 -6.03 5.74 -20.53
N PHE A 219 -6.15 7.03 -20.22
CA PHE A 219 -5.49 7.63 -19.07
C PHE A 219 -6.50 8.49 -18.31
N HIS A 220 -6.50 8.35 -16.99
CA HIS A 220 -7.34 9.13 -16.10
C HIS A 220 -6.43 9.94 -15.17
N MET A 221 -6.55 11.25 -15.21
CA MET A 221 -5.68 12.14 -14.45
C MET A 221 -6.51 12.90 -13.43
N PHE A 222 -6.00 12.96 -12.20
CA PHE A 222 -6.75 13.40 -11.03
C PHE A 222 -6.09 14.65 -10.47
N ASP A 223 -6.75 15.79 -10.62
CA ASP A 223 -6.23 17.05 -10.13
C ASP A 223 -6.86 17.36 -8.78
N VAL A 224 -6.05 17.68 -7.79
CA VAL A 224 -6.51 17.94 -6.44
C VAL A 224 -6.93 19.41 -6.32
N GLY A 225 -8.21 19.65 -6.06
CA GLY A 225 -8.71 20.98 -5.84
C GLY A 225 -9.66 20.99 -4.67
N ALA A 226 -9.81 22.17 -4.07
CA ALA A 226 -10.67 22.36 -2.89
C ALA A 226 -10.24 21.43 -1.74
N GLN A 227 -8.93 21.27 -1.57
CA GLN A 227 -8.35 20.61 -0.42
C GLN A 227 -7.24 21.50 0.10
N ARG A 228 -7.19 21.69 1.42
CA ARG A 228 -6.24 22.65 1.96
C ARG A 228 -4.82 22.09 1.90
N ASP A 229 -3.86 22.91 2.34
CA ASP A 229 -2.44 22.65 2.10
C ASP A 229 -1.89 21.48 2.91
N GLU A 230 -2.61 20.94 3.88
CA GLU A 230 -2.12 19.77 4.62
C GLU A 230 -2.46 18.51 3.84
N ARG A 231 -1.45 17.68 3.62
CA ARG A 231 -1.56 16.56 2.70
C ARG A 231 -1.26 15.20 3.29
N ARG A 232 -0.75 15.11 4.52
CA ARG A 232 -0.27 13.83 5.01
C ARG A 232 -1.37 12.80 5.22
N LYS A 233 -2.64 13.19 5.16
CA LYS A 233 -3.73 12.26 5.40
C LYS A 233 -4.44 11.81 4.13
N TRP A 234 -4.46 12.62 3.08
CA TRP A 234 -5.11 12.20 1.84
C TRP A 234 -4.13 11.82 0.74
N ILE A 235 -2.82 12.05 0.93
CA ILE A 235 -1.86 11.61 -0.07
C ILE A 235 -1.78 10.09 -0.10
N GLN A 236 -2.00 9.42 1.04
CA GLN A 236 -1.90 7.97 1.11
C GLN A 236 -2.92 7.28 0.22
N CYS A 237 -3.95 7.99 -0.23
CA CYS A 237 -4.88 7.42 -1.18
C CYS A 237 -4.19 7.02 -2.47
N PHE A 238 -3.20 7.80 -2.90
CA PHE A 238 -2.58 7.61 -4.21
C PHE A 238 -1.28 6.80 -4.11
N ASN A 239 -1.39 5.60 -3.53
CA ASN A 239 -0.26 4.69 -3.48
C ASN A 239 -0.31 3.61 -4.55
N ASP A 240 -1.46 3.41 -5.18
CA ASP A 240 -1.62 2.51 -6.30
C ASP A 240 -1.80 3.25 -7.62
N VAL A 241 -1.35 4.49 -7.67
CA VAL A 241 -1.39 5.28 -8.89
C VAL A 241 -0.16 4.93 -9.73
N THR A 242 -0.32 4.91 -11.05
CA THR A 242 0.81 4.50 -11.88
C THR A 242 1.90 5.57 -11.93
N ALA A 243 1.55 6.83 -11.70
CA ALA A 243 2.55 7.89 -11.68
C ALA A 243 1.99 9.14 -11.01
N ILE A 244 2.90 9.90 -10.43
CA ILE A 244 2.63 11.24 -9.89
C ILE A 244 3.35 12.23 -10.78
N ILE A 245 2.59 13.10 -11.44
CA ILE A 245 3.13 14.15 -12.29
C ILE A 245 3.35 15.37 -11.40
N PHE A 246 4.60 15.60 -11.01
CA PHE A 246 4.98 16.72 -10.16
C PHE A 246 5.47 17.84 -11.07
N VAL A 247 4.75 18.96 -11.09
CA VAL A 247 5.11 20.12 -11.92
C VAL A 247 5.73 21.18 -11.02
N VAL A 248 6.84 21.76 -11.48
CA VAL A 248 7.61 22.75 -10.73
C VAL A 248 7.92 23.91 -11.66
N ALA A 249 7.74 25.13 -11.15
CA ALA A 249 8.16 26.32 -11.89
C ALA A 249 9.64 26.57 -11.64
N SER A 250 10.46 26.44 -12.68
CA SER A 250 11.91 26.49 -12.52
C SER A 250 12.43 27.90 -12.28
N SER A 251 11.70 28.92 -12.74
CA SER A 251 12.20 30.29 -12.62
C SER A 251 11.88 30.94 -11.29
N SER A 252 11.28 30.21 -10.35
CA SER A 252 10.79 30.79 -9.11
C SER A 252 11.78 30.64 -7.96
N TYR A 253 13.08 30.70 -8.24
CA TYR A 253 14.07 30.70 -7.17
C TYR A 253 14.15 32.03 -6.44
N ASN A 254 13.53 33.09 -6.97
CA ASN A 254 13.50 34.39 -6.30
C ASN A 254 12.61 34.35 -5.07
N GLN A 262 7.01 33.59 -0.98
CA GLN A 262 7.75 32.92 0.08
C GLN A 262 9.23 33.22 -0.03
N THR A 263 9.62 33.90 -1.11
CA THR A 263 10.98 34.27 -1.49
C THR A 263 11.83 33.07 -1.89
N ASN A 264 11.33 31.84 -1.76
CA ASN A 264 12.02 30.68 -2.31
C ASN A 264 10.95 29.60 -2.52
N ARG A 265 10.48 29.48 -3.76
CA ARG A 265 9.51 28.44 -4.08
C ARG A 265 10.18 27.18 -4.58
N LEU A 266 11.36 27.29 -5.19
CA LEU A 266 12.09 26.10 -5.57
C LEU A 266 12.48 25.27 -4.36
N GLN A 267 12.93 25.92 -3.29
CA GLN A 267 13.29 25.17 -2.08
C GLN A 267 12.07 24.49 -1.46
N ALA A 268 10.92 25.16 -1.51
CA ALA A 268 9.70 24.53 -1.03
C ALA A 268 9.31 23.32 -1.89
N ALA A 269 9.50 23.44 -3.20
CA ALA A 269 9.24 22.30 -4.08
C ALA A 269 10.18 21.14 -3.77
N LEU A 270 11.46 21.44 -3.51
CA LEU A 270 12.39 20.39 -3.13
C LEU A 270 11.97 19.72 -1.83
N LYS A 271 11.51 20.49 -0.84
CA LYS A 271 11.05 19.90 0.41
C LYS A 271 9.84 19.01 0.20
N LEU A 272 8.88 19.46 -0.61
CA LEU A 272 7.69 18.65 -0.88
C LEU A 272 8.05 17.36 -1.62
N PHE A 273 8.95 17.46 -2.60
CA PHE A 273 9.40 16.28 -3.33
C PHE A 273 10.12 15.31 -2.41
N ASP A 274 10.92 15.83 -1.48
CA ASP A 274 11.59 14.98 -0.50
C ASP A 274 10.57 14.25 0.36
N SER A 275 9.54 14.96 0.82
CA SER A 275 8.52 14.32 1.65
C SER A 275 7.79 13.23 0.89
N ILE A 276 7.44 13.49 -0.38
CA ILE A 276 6.74 12.49 -1.18
C ILE A 276 7.64 11.28 -1.46
N TRP A 277 8.92 11.52 -1.74
CA TRP A 277 9.81 10.44 -2.13
C TRP A 277 10.06 9.46 -0.97
N ASN A 278 10.19 9.97 0.24
CA ASN A 278 10.57 9.15 1.39
C ASN A 278 9.37 8.68 2.21
N ASN A 279 8.15 8.89 1.71
CA ASN A 279 6.98 8.39 2.41
C ASN A 279 6.92 6.87 2.33
N LYS A 280 6.56 6.24 3.44
CA LYS A 280 6.58 4.78 3.51
C LYS A 280 5.45 4.14 2.73
N TRP A 281 4.36 4.86 2.45
CA TRP A 281 3.28 4.32 1.65
C TRP A 281 3.44 4.59 0.17
N LEU A 282 4.42 5.40 -0.22
CA LEU A 282 4.69 5.73 -1.61
C LEU A 282 6.06 5.23 -2.03
N ARG A 283 6.41 4.01 -1.61
CA ARG A 283 7.70 3.42 -1.92
C ARG A 283 7.77 2.81 -3.30
N ASP A 284 6.62 2.56 -3.94
CA ASP A 284 6.60 1.92 -5.25
C ASP A 284 5.93 2.80 -6.30
N THR A 285 5.88 4.11 -6.05
CA THR A 285 5.25 5.05 -6.97
C THR A 285 6.32 5.90 -7.63
N SER A 286 6.33 5.93 -8.95
CA SER A 286 7.30 6.72 -9.71
C SER A 286 6.77 8.12 -9.93
N VAL A 287 7.70 9.08 -10.01
CA VAL A 287 7.37 10.48 -10.15
C VAL A 287 7.85 10.96 -11.51
N ILE A 288 6.92 11.46 -12.32
CA ILE A 288 7.26 12.19 -13.53
C ILE A 288 7.40 13.66 -13.12
N LEU A 289 8.57 14.23 -13.35
CA LEU A 289 8.91 15.56 -12.87
C LEU A 289 8.96 16.51 -14.07
N PHE A 290 8.10 17.53 -14.05
CA PHE A 290 8.01 18.50 -15.13
C PHE A 290 8.57 19.83 -14.64
N LEU A 291 9.75 20.19 -15.11
CA LEU A 291 10.34 21.49 -14.79
C LEU A 291 9.78 22.52 -15.74
N ASN A 292 8.88 23.35 -15.23
CA ASN A 292 8.07 24.22 -16.08
C ASN A 292 8.71 25.59 -16.24
N LYS A 293 8.20 26.34 -17.22
CA LYS A 293 8.56 27.74 -17.46
C LYS A 293 10.06 27.91 -17.72
N GLN A 294 10.50 27.30 -18.82
CA GLN A 294 11.89 27.47 -19.25
C GLN A 294 12.16 28.88 -19.77
N ASP A 295 11.16 29.51 -20.39
CA ASP A 295 11.36 30.86 -20.95
C ASP A 295 11.61 31.88 -19.84
N LEU A 296 10.82 31.82 -18.77
CA LEU A 296 11.01 32.76 -17.67
C LEU A 296 12.41 32.62 -17.08
N LEU A 297 12.87 31.38 -16.90
CA LEU A 297 14.23 31.17 -16.41
C LEU A 297 15.26 31.67 -17.40
N ALA A 298 14.99 31.54 -18.70
CA ALA A 298 15.93 32.02 -19.71
C ALA A 298 16.11 33.53 -19.62
N GLU A 299 15.01 34.29 -19.62
CA GLU A 299 15.16 35.73 -19.48
C GLU A 299 15.57 36.16 -18.07
N LYS A 300 15.40 35.31 -17.06
CA LYS A 300 15.90 35.65 -15.74
C LYS A 300 17.42 35.51 -15.67
N VAL A 301 17.96 34.46 -16.28
CA VAL A 301 19.39 34.18 -16.17
C VAL A 301 20.19 35.01 -17.17
N LEU A 302 19.62 35.28 -18.36
CA LEU A 302 20.35 36.09 -19.33
C LEU A 302 20.63 37.48 -18.79
N ALA A 303 19.67 38.08 -18.10
CA ALA A 303 19.91 39.34 -17.42
C ALA A 303 20.71 39.10 -16.13
N GLY A 304 21.21 40.19 -15.56
CA GLY A 304 21.98 40.09 -14.33
C GLY A 304 21.19 40.50 -13.11
N LYS A 305 19.86 40.41 -13.21
CA LYS A 305 18.99 40.85 -12.12
C LYS A 305 19.25 40.04 -10.85
N SER A 306 18.97 38.74 -10.90
CA SER A 306 19.12 37.86 -9.75
C SER A 306 19.93 36.63 -10.16
N LYS A 307 20.68 36.11 -9.20
CA LYS A 307 21.57 34.98 -9.44
C LYS A 307 21.11 33.78 -8.63
N ILE A 308 21.34 32.58 -9.18
CA ILE A 308 21.11 31.36 -8.41
C ILE A 308 22.02 31.35 -7.19
N GLU A 309 23.24 31.84 -7.35
CA GLU A 309 24.14 32.04 -6.21
C GLU A 309 23.50 33.02 -5.22
N ASP A 310 23.74 32.75 -3.93
CA ASP A 310 23.24 33.43 -2.72
C ASP A 310 21.83 32.96 -2.39
N TYR A 311 21.23 32.16 -3.27
CA TYR A 311 20.09 31.32 -2.93
C TYR A 311 20.42 29.84 -2.98
N PHE A 312 21.31 29.43 -3.87
CA PHE A 312 21.87 28.09 -3.90
C PHE A 312 23.38 28.25 -3.95
N PRO A 313 24.03 28.40 -2.79
CA PRO A 313 25.44 28.80 -2.79
C PRO A 313 26.39 27.80 -3.45
N GLU A 314 25.97 26.56 -3.62
CA GLU A 314 26.79 25.57 -4.30
C GLU A 314 26.71 25.68 -5.82
N PHE A 315 25.92 26.62 -6.34
CA PHE A 315 25.84 26.82 -7.78
C PHE A 315 27.12 27.40 -8.36
N ALA A 316 28.00 27.95 -7.51
CA ALA A 316 29.26 28.50 -8.01
C ALA A 316 30.13 27.41 -8.63
N ARG A 317 30.36 26.34 -7.87
CA ARG A 317 31.19 25.23 -8.36
C ARG A 317 30.36 24.12 -8.99
N TYR A 318 29.49 24.49 -9.93
CA TYR A 318 28.71 23.52 -10.71
C TYR A 318 29.07 23.69 -12.18
N THR A 319 29.48 22.59 -12.81
CA THR A 319 29.81 22.56 -14.22
C THR A 319 28.71 21.84 -14.99
N THR A 320 28.27 22.44 -16.09
CA THR A 320 27.25 21.79 -16.91
C THR A 320 27.79 20.48 -17.45
N PRO A 321 26.98 19.42 -17.50
CA PRO A 321 27.48 18.12 -17.93
C PRO A 321 27.75 18.09 -19.43
N GLU A 322 28.60 17.13 -19.82
CA GLU A 322 28.92 16.95 -21.23
C GLU A 322 27.82 16.21 -21.99
N ASP A 323 26.91 15.54 -21.30
CA ASP A 323 25.83 14.80 -21.95
C ASP A 323 24.64 15.68 -22.28
N ALA A 324 24.67 16.96 -21.92
CA ALA A 324 23.53 17.83 -22.14
C ALA A 324 23.28 18.02 -23.63
N THR A 325 22.00 18.22 -23.96
CA THR A 325 21.56 18.43 -25.35
C THR A 325 20.80 19.75 -25.42
N PRO A 326 21.52 20.87 -25.40
CA PRO A 326 20.85 22.17 -25.47
C PRO A 326 20.18 22.39 -26.82
N GLU A 327 19.07 23.11 -26.78
CA GLU A 327 18.48 23.58 -28.02
C GLU A 327 19.40 24.59 -28.67
N PRO A 328 19.48 24.63 -30.00
CA PRO A 328 20.28 25.68 -30.65
C PRO A 328 19.74 27.06 -30.32
N GLY A 329 20.65 28.02 -30.19
CA GLY A 329 20.28 29.35 -29.76
C GLY A 329 20.16 29.54 -28.27
N GLU A 330 20.69 28.61 -27.48
CA GLU A 330 20.64 28.69 -26.03
C GLU A 330 22.03 28.98 -25.49
N ASP A 331 22.15 29.99 -24.64
CA ASP A 331 23.42 30.32 -24.05
C ASP A 331 23.85 29.23 -23.06
N PRO A 332 25.15 28.97 -22.95
CA PRO A 332 25.60 27.94 -21.99
C PRO A 332 25.22 28.25 -20.56
N ARG A 333 25.19 29.52 -20.18
CA ARG A 333 24.88 29.94 -18.82
C ARG A 333 23.41 29.73 -18.46
N VAL A 334 22.56 29.40 -19.43
CA VAL A 334 21.18 29.01 -19.15
C VAL A 334 21.05 27.50 -19.02
N THR A 335 21.74 26.77 -19.89
CA THR A 335 21.81 25.32 -19.76
C THR A 335 22.40 24.93 -18.42
N ARG A 336 23.38 25.69 -17.94
CA ARG A 336 23.98 25.41 -16.64
C ARG A 336 22.93 25.49 -15.53
N ALA A 337 22.12 26.55 -15.53
CA ALA A 337 21.10 26.70 -14.50
C ALA A 337 20.02 25.63 -14.60
N LYS A 338 19.58 25.33 -15.83
CA LYS A 338 18.58 24.29 -16.02
C LYS A 338 19.06 22.96 -15.44
N TYR A 339 20.26 22.54 -15.82
CA TYR A 339 20.77 21.27 -15.35
C TYR A 339 21.12 21.31 -13.86
N PHE A 340 21.41 22.49 -13.33
CA PHE A 340 21.61 22.59 -11.88
C PHE A 340 20.32 22.30 -11.12
N ILE A 341 19.19 22.86 -11.58
CA ILE A 341 17.92 22.54 -10.95
C ILE A 341 17.59 21.06 -11.09
N ARG A 342 17.80 20.52 -12.30
CA ARG A 342 17.56 19.10 -12.54
C ARG A 342 18.37 18.24 -11.60
N ASP A 343 19.65 18.58 -11.40
CA ASP A 343 20.50 17.79 -10.52
C ASP A 343 20.15 17.97 -9.05
N GLU A 344 19.64 19.15 -8.69
CA GLU A 344 19.15 19.35 -7.33
C GLU A 344 17.98 18.41 -7.02
N PHE A 345 17.12 18.17 -8.01
CA PHE A 345 16.05 17.19 -7.80
C PHE A 345 16.60 15.76 -7.82
N LEU A 346 17.54 15.47 -8.72
CA LEU A 346 18.05 14.12 -8.86
C LEU A 346 18.86 13.69 -7.64
N ARG A 347 19.46 14.63 -6.93
CA ARG A 347 20.20 14.27 -5.70
C ARG A 347 19.28 13.66 -4.67
N ILE A 348 18.07 14.20 -4.53
CA ILE A 348 17.06 13.57 -3.68
C ILE A 348 16.59 12.26 -4.29
N SER A 349 16.34 12.26 -5.60
CA SER A 349 15.70 11.10 -6.23
C SER A 349 16.56 9.85 -6.14
N THR A 350 17.86 9.97 -6.38
CA THR A 350 18.73 8.79 -6.49
C THR A 350 19.34 8.36 -5.17
N ALA A 351 19.10 9.08 -4.07
CA ALA A 351 19.69 8.68 -2.80
C ALA A 351 18.99 7.49 -2.16
N SER A 352 17.69 7.30 -2.44
CA SER A 352 16.93 6.24 -1.82
C SER A 352 15.98 5.56 -2.79
N GLY A 353 16.34 5.50 -4.08
CA GLY A 353 15.46 4.88 -5.06
C GLY A 353 15.24 3.40 -4.80
N ASP A 354 16.32 2.66 -4.54
CA ASP A 354 16.34 1.24 -4.22
C ASP A 354 15.88 0.36 -5.37
N GLY A 355 15.58 0.92 -6.53
CA GLY A 355 15.11 0.15 -7.67
C GLY A 355 13.61 -0.03 -7.75
N ARG A 356 12.87 0.37 -6.72
CA ARG A 356 11.42 0.19 -6.72
C ARG A 356 10.67 1.32 -7.41
N HIS A 357 11.26 2.51 -7.47
CA HIS A 357 10.63 3.62 -8.17
C HIS A 357 11.70 4.59 -8.63
N TYR A 358 11.36 5.38 -9.65
CA TYR A 358 12.34 6.24 -10.31
C TYR A 358 11.69 7.57 -10.66
N CYS A 359 12.53 8.58 -10.81
CA CYS A 359 12.11 9.90 -11.27
C CYS A 359 12.41 10.04 -12.76
N TYR A 360 11.57 10.81 -13.46
CA TYR A 360 11.69 11.02 -14.90
C TYR A 360 11.61 12.51 -15.19
N PRO A 361 12.70 13.25 -14.99
CA PRO A 361 12.65 14.70 -15.18
C PRO A 361 12.48 15.09 -16.64
N HIS A 362 11.86 16.25 -16.86
CA HIS A 362 11.62 16.76 -18.20
C HIS A 362 11.69 18.28 -18.16
N PHE A 363 11.94 18.87 -19.33
CA PHE A 363 11.95 20.31 -19.51
C PHE A 363 10.82 20.70 -20.44
N THR A 364 10.04 21.71 -20.05
CA THR A 364 8.92 22.18 -20.86
C THR A 364 8.49 23.54 -20.38
N CYS A 365 8.06 24.38 -21.32
CA CYS A 365 7.36 25.62 -20.98
C CYS A 365 5.93 25.62 -21.52
N ALA A 366 5.76 25.49 -22.84
CA ALA A 366 4.45 25.30 -23.43
C ALA A 366 4.70 24.64 -24.79
N VAL A 367 4.52 23.34 -24.87
CA VAL A 367 4.93 22.57 -26.03
C VAL A 367 3.70 22.09 -26.79
N ASP A 368 3.88 21.85 -28.08
CA ASP A 368 2.80 21.47 -28.99
C ASP A 368 2.43 20.01 -28.70
N THR A 369 1.59 19.83 -27.67
CA THR A 369 1.05 18.55 -27.21
C THR A 369 2.12 17.45 -27.17
N GLU A 370 3.37 17.82 -26.89
CA GLU A 370 4.40 16.82 -26.65
C GLU A 370 4.33 16.25 -25.24
N ASN A 371 3.62 16.92 -24.34
CA ASN A 371 3.60 16.50 -22.95
C ASN A 371 2.86 15.19 -22.76
N ILE A 372 1.75 14.98 -23.49
CA ILE A 372 1.05 13.71 -23.38
C ILE A 372 1.90 12.58 -23.95
N ARG A 373 2.68 12.84 -25.01
CA ARG A 373 3.60 11.83 -25.51
C ARG A 373 4.68 11.51 -24.47
N ARG A 374 5.19 12.54 -23.79
CA ARG A 374 6.19 12.29 -22.75
C ARG A 374 5.61 11.46 -21.62
N VAL A 375 4.37 11.75 -21.22
CA VAL A 375 3.72 10.97 -20.16
C VAL A 375 3.51 9.52 -20.63
N PHE A 376 3.08 9.34 -21.88
CA PHE A 376 2.89 8.01 -22.44
C PHE A 376 4.19 7.22 -22.44
N ASN A 377 5.28 7.84 -22.88
CA ASN A 377 6.57 7.15 -22.93
C ASN A 377 7.06 6.81 -21.53
N ASP A 378 6.90 7.74 -20.58
CA ASP A 378 7.34 7.47 -19.21
C ASP A 378 6.53 6.34 -18.57
N CYS A 379 5.22 6.30 -18.83
CA CYS A 379 4.40 5.22 -18.29
C CYS A 379 4.80 3.88 -18.89
N ARG A 380 5.06 3.85 -20.19
CA ARG A 380 5.53 2.61 -20.81
C ARG A 380 6.86 2.16 -20.20
N ASP A 381 7.78 3.10 -19.98
CA ASP A 381 9.06 2.76 -19.36
C ASP A 381 8.87 2.25 -17.93
N ILE A 382 7.91 2.82 -17.20
CA ILE A 382 7.64 2.39 -15.83
C ILE A 382 7.15 0.95 -15.81
N ILE A 383 6.20 0.62 -16.68
CA ILE A 383 5.70 -0.75 -16.76
C ILE A 383 6.82 -1.72 -17.13
N GLN A 384 7.63 -1.34 -18.13
CA GLN A 384 8.72 -2.21 -18.56
C GLN A 384 9.73 -2.44 -17.46
N ARG A 385 10.10 -1.38 -16.74
CA ARG A 385 11.09 -1.52 -15.67
C ARG A 385 10.55 -2.38 -14.54
N MET A 386 9.25 -2.23 -14.23
CA MET A 386 8.65 -3.09 -13.21
C MET A 386 8.74 -4.56 -13.61
N HIS A 387 8.39 -4.88 -14.86
CA HIS A 387 8.45 -6.27 -15.29
C HIS A 387 9.88 -6.80 -15.30
N LEU A 388 10.83 -5.98 -15.77
CA LEU A 388 12.23 -6.42 -15.82
C LEU A 388 12.78 -6.66 -14.42
N ARG A 389 12.45 -5.80 -13.46
CA ARG A 389 12.85 -6.05 -12.08
C ARG A 389 12.19 -7.32 -11.55
N GLN A 390 10.96 -7.59 -11.99
CA GLN A 390 10.27 -8.80 -11.56
C GLN A 390 10.95 -10.06 -12.07
N TYR A 391 11.50 -10.01 -13.29
CA TYR A 391 12.12 -11.18 -13.91
C TYR A 391 13.63 -11.25 -13.68
N GLU A 392 14.16 -10.48 -12.74
CA GLU A 392 15.57 -10.48 -12.37
C GLU A 392 16.51 -10.01 -13.48
N LEU A 393 15.99 -9.33 -14.49
CA LEU A 393 16.82 -8.84 -15.58
C LEU A 393 17.39 -7.46 -15.34
N LEU A 394 16.98 -6.78 -14.27
CA LEU A 394 17.47 -5.44 -13.99
C LEU A 394 17.94 -5.35 -12.54
N SER B 13 -1.37 43.96 21.28
CA SER B 13 -2.60 44.60 21.75
C SER B 13 -3.48 43.61 22.51
N GLU B 14 -4.60 43.24 21.90
CA GLU B 14 -5.51 42.29 22.53
C GLU B 14 -4.85 40.94 22.73
N LEU B 15 -4.08 40.48 21.74
CA LEU B 15 -3.33 39.24 21.88
C LEU B 15 -2.20 39.43 22.88
N ASP B 16 -1.56 38.29 23.23
CA ASP B 16 -0.44 38.23 24.17
C ASP B 16 -0.85 38.66 25.57
N GLN B 17 -2.15 38.92 25.77
CA GLN B 17 -2.69 39.18 27.10
C GLN B 17 -3.77 38.17 27.49
N LEU B 18 -4.73 37.94 26.60
CA LEU B 18 -5.76 36.92 26.84
C LEU B 18 -5.17 35.52 26.89
N ARG B 19 -4.02 35.31 26.22
CA ARG B 19 -3.35 34.02 26.31
C ARG B 19 -2.86 33.73 27.72
N GLN B 20 -2.58 34.76 28.51
CA GLN B 20 -2.28 34.54 29.92
C GLN B 20 -3.48 33.95 30.66
N GLU B 21 -4.68 34.46 30.36
CA GLU B 21 -5.90 33.88 30.93
C GLU B 21 -6.08 32.43 30.47
N ALA B 22 -5.81 32.17 29.18
CA ALA B 22 -5.92 30.79 28.69
C ALA B 22 -4.95 29.87 29.42
N GLU B 23 -3.71 30.32 29.62
CA GLU B 23 -2.73 29.50 30.33
C GLU B 23 -3.15 29.28 31.78
N GLN B 24 -3.69 30.31 32.43
CA GLN B 24 -4.15 30.16 33.81
C GLN B 24 -5.28 29.13 33.89
N LEU B 25 -6.22 29.18 32.95
CA LEU B 25 -7.31 28.20 32.93
C LEU B 25 -6.79 26.79 32.67
N LYS B 26 -5.82 26.63 31.76
CA LYS B 26 -5.24 25.31 31.56
C LYS B 26 -4.57 24.80 32.83
N ASN B 27 -3.85 25.68 33.53
CA ASN B 27 -3.22 25.29 34.79
C ASN B 27 -4.27 24.86 35.81
N GLN B 28 -5.38 25.60 35.90
CA GLN B 28 -6.42 25.26 36.87
C GLN B 28 -7.08 23.93 36.54
N ILE B 29 -7.34 23.69 35.24
CA ILE B 29 -7.92 22.41 34.83
C ILE B 29 -6.99 21.26 35.15
N ARG B 30 -5.70 21.43 34.85
CA ARG B 30 -4.74 20.36 35.10
C ARG B 30 -4.60 20.09 36.61
N ASP B 31 -4.60 21.15 37.42
CA ASP B 31 -4.53 20.96 38.86
C ASP B 31 -5.77 20.24 39.39
N ALA B 32 -6.96 20.61 38.90
CA ALA B 32 -8.17 19.92 39.34
C ALA B 32 -8.17 18.46 38.92
N ARG B 33 -7.70 18.16 37.71
CA ARG B 33 -7.61 16.77 37.27
C ARG B 33 -6.62 15.99 38.14
N LYS B 34 -5.49 16.61 38.48
CA LYS B 34 -4.52 15.95 39.35
C LYS B 34 -5.11 15.67 40.72
N ALA B 35 -5.88 16.62 41.26
CA ALA B 35 -6.53 16.41 42.55
C ALA B 35 -7.56 15.29 42.48
N CYS B 36 -8.35 15.26 41.40
CA CYS B 36 -9.38 14.24 41.28
C CYS B 36 -8.81 12.87 40.95
N ALA B 37 -7.55 12.80 40.52
CA ALA B 37 -6.91 11.52 40.21
C ALA B 37 -6.47 10.88 41.51
N ASP B 38 -7.39 10.12 42.13
CA ASP B 38 -7.11 9.49 43.41
C ASP B 38 -6.21 8.27 43.24
N ALA B 39 -6.67 7.27 42.50
CA ALA B 39 -5.94 6.02 42.33
C ALA B 39 -5.76 5.72 40.85
N THR B 40 -5.27 4.52 40.53
CA THR B 40 -5.13 4.08 39.15
C THR B 40 -5.92 2.80 38.94
N LEU B 41 -6.36 2.59 37.70
CA LEU B 41 -7.03 1.36 37.35
C LEU B 41 -6.11 0.16 37.51
N SER B 42 -4.80 0.36 37.40
CA SER B 42 -3.85 -0.74 37.53
C SER B 42 -3.82 -1.32 38.93
N GLN B 43 -4.04 -0.49 39.95
CA GLN B 43 -4.08 -0.94 41.33
C GLN B 43 -5.49 -1.19 41.84
N ILE B 44 -6.47 -1.23 40.94
CA ILE B 44 -7.83 -1.62 41.27
C ILE B 44 -8.19 -2.96 40.65
N THR B 45 -7.72 -3.22 39.43
CA THR B 45 -7.84 -4.53 38.79
C THR B 45 -6.61 -5.40 39.01
N ASN B 46 -5.90 -5.20 40.13
CA ASN B 46 -4.72 -6.00 40.42
C ASN B 46 -5.09 -7.47 40.61
N ASN B 47 -6.23 -7.74 41.26
CA ASN B 47 -6.66 -9.09 41.55
C ASN B 47 -7.51 -9.71 40.44
N ILE B 48 -7.88 -8.94 39.42
CA ILE B 48 -8.71 -9.49 38.35
C ILE B 48 -7.92 -10.56 37.61
N ASP B 49 -8.54 -11.72 37.45
CA ASP B 49 -7.88 -12.85 36.82
C ASP B 49 -7.71 -12.61 35.33
N PRO B 50 -6.53 -12.81 34.77
CA PRO B 50 -6.32 -12.53 33.35
C PRO B 50 -7.09 -13.50 32.47
N VAL B 51 -7.47 -13.01 31.29
CA VAL B 51 -8.16 -13.84 30.32
C VAL B 51 -7.25 -14.96 29.82
N GLY B 52 -5.93 -14.72 29.84
CA GLY B 52 -5.00 -15.69 29.31
C GLY B 52 -4.78 -15.50 27.83
N ARG B 53 -4.71 -16.60 27.08
CA ARG B 53 -4.51 -16.56 25.64
C ARG B 53 -5.84 -16.78 24.94
N ILE B 54 -6.04 -16.07 23.83
CA ILE B 54 -7.25 -16.15 23.04
C ILE B 54 -6.87 -16.49 21.60
N GLN B 55 -7.45 -17.56 21.07
CA GLN B 55 -7.21 -17.98 19.69
C GLN B 55 -8.50 -17.77 18.91
N MET B 56 -8.47 -16.83 17.97
CA MET B 56 -9.55 -16.64 17.02
C MET B 56 -9.04 -16.95 15.63
N ARG B 57 -9.73 -17.82 14.91
CA ARG B 57 -9.30 -18.29 13.61
C ARG B 57 -10.23 -17.74 12.54
N THR B 58 -9.64 -17.37 11.40
CA THR B 58 -10.45 -16.90 10.28
C THR B 58 -11.44 -17.97 9.86
N ARG B 59 -12.68 -17.55 9.62
CA ARG B 59 -13.77 -18.42 9.21
C ARG B 59 -14.25 -18.14 7.80
N ARG B 60 -14.35 -16.87 7.41
CA ARG B 60 -14.70 -16.48 6.05
C ARG B 60 -13.64 -15.54 5.51
N THR B 61 -13.41 -15.63 4.20
CA THR B 61 -12.66 -14.63 3.46
C THR B 61 -13.52 -14.17 2.31
N LEU B 62 -13.80 -12.88 2.24
CA LEU B 62 -14.70 -12.32 1.25
C LEU B 62 -13.88 -11.64 0.16
N ARG B 63 -13.95 -12.17 -1.07
CA ARG B 63 -13.19 -11.68 -2.19
C ARG B 63 -14.12 -11.06 -3.23
N GLY B 64 -13.60 -10.11 -3.99
CA GLY B 64 -14.39 -9.40 -4.98
C GLY B 64 -14.03 -7.95 -5.15
N HIS B 65 -13.31 -7.38 -4.19
CA HIS B 65 -12.85 -6.00 -4.29
C HIS B 65 -11.55 -5.94 -5.08
N LEU B 66 -11.51 -5.09 -6.11
CA LEU B 66 -10.34 -4.99 -6.96
C LEU B 66 -9.21 -4.21 -6.32
N ALA B 67 -9.52 -3.18 -5.54
CA ALA B 67 -8.50 -2.34 -4.91
C ALA B 67 -8.68 -2.37 -3.39
N LYS B 68 -7.92 -1.53 -2.69
CA LYS B 68 -7.89 -1.55 -1.25
C LYS B 68 -9.21 -1.06 -0.66
N ILE B 69 -9.56 -1.63 0.50
CA ILE B 69 -10.78 -1.31 1.22
C ILE B 69 -10.45 -0.30 2.31
N TYR B 70 -11.17 0.82 2.36
CA TYR B 70 -11.02 1.69 3.53
C TYR B 70 -12.04 1.49 4.64
N ALA B 71 -13.27 1.13 4.35
CA ALA B 71 -14.25 1.10 5.41
C ALA B 71 -15.12 -0.15 5.32
N MET B 72 -15.60 -0.58 6.49
CA MET B 72 -16.64 -1.59 6.59
C MET B 72 -17.54 -1.19 7.75
N HIS B 73 -18.79 -1.65 7.68
CA HIS B 73 -19.73 -1.38 8.75
C HIS B 73 -20.75 -2.51 8.81
N TRP B 74 -20.91 -3.10 9.98
CA TRP B 74 -21.87 -4.18 10.18
C TRP B 74 -23.30 -3.64 10.19
N GLY B 75 -24.24 -4.52 9.88
CA GLY B 75 -25.64 -4.21 10.07
C GLY B 75 -26.11 -4.53 11.48
N THR B 76 -27.27 -3.98 11.82
CA THR B 76 -27.82 -4.22 13.16
C THR B 76 -28.28 -5.66 13.36
N ASP B 77 -28.50 -6.42 12.29
CA ASP B 77 -28.85 -7.83 12.43
C ASP B 77 -27.63 -8.73 12.59
N SER B 78 -26.43 -8.17 12.57
CA SER B 78 -25.18 -8.92 12.72
C SER B 78 -24.98 -9.96 11.63
N ARG B 79 -25.64 -9.77 10.49
CA ARG B 79 -25.50 -10.67 9.35
C ARG B 79 -24.95 -9.98 8.12
N LEU B 80 -25.56 -8.89 7.69
CA LEU B 80 -25.12 -8.15 6.52
C LEU B 80 -24.05 -7.15 6.89
N LEU B 81 -23.13 -6.91 5.95
CA LEU B 81 -22.13 -5.86 6.13
C LEU B 81 -21.90 -5.17 4.80
N VAL B 82 -21.32 -3.98 4.85
CA VAL B 82 -21.04 -3.18 3.67
C VAL B 82 -19.57 -2.80 3.69
N SER B 83 -18.93 -2.80 2.53
CA SER B 83 -17.52 -2.44 2.42
C SER B 83 -17.31 -1.49 1.24
N ALA B 84 -16.35 -0.59 1.39
CA ALA B 84 -16.06 0.43 0.40
C ALA B 84 -14.62 0.33 -0.07
N SER B 85 -14.42 0.27 -1.38
CA SER B 85 -13.10 0.30 -1.92
C SER B 85 -12.88 1.30 -2.98
N GLN B 86 -11.67 1.54 -3.31
CA GLN B 86 -11.20 2.53 -4.28
C GLN B 86 -11.32 2.08 -5.72
N ASP B 87 -11.65 0.82 -5.99
CA ASP B 87 -12.04 0.50 -7.37
C ASP B 87 -13.38 1.10 -7.72
N GLY B 88 -13.91 1.92 -6.81
CA GLY B 88 -15.18 2.58 -7.01
C GLY B 88 -16.39 1.78 -6.60
N LYS B 89 -16.27 0.87 -5.65
CA LYS B 89 -17.37 -0.05 -5.36
C LYS B 89 -17.78 -0.01 -3.90
N LEU B 90 -19.09 -0.14 -3.70
CA LEU B 90 -19.69 -0.39 -2.40
C LEU B 90 -20.36 -1.75 -2.49
N ILE B 91 -19.86 -2.73 -1.74
CA ILE B 91 -20.37 -4.09 -1.82
C ILE B 91 -21.06 -4.45 -0.50
N ILE B 92 -22.29 -4.93 -0.59
CA ILE B 92 -23.05 -5.40 0.55
C ILE B 92 -23.03 -6.92 0.53
N TRP B 93 -22.38 -7.51 1.54
CA TRP B 93 -22.17 -8.94 1.67
C TRP B 93 -23.08 -9.53 2.74
N ASP B 94 -23.45 -10.79 2.52
CA ASP B 94 -24.06 -11.65 3.53
C ASP B 94 -22.94 -12.43 4.21
N SER B 95 -22.66 -12.13 5.48
CA SER B 95 -21.52 -12.76 6.14
C SER B 95 -21.71 -14.27 6.22
N TYR B 96 -22.93 -14.73 6.50
CA TYR B 96 -23.26 -16.13 6.33
C TYR B 96 -23.37 -16.43 4.85
N THR B 97 -22.91 -17.61 4.44
CA THR B 97 -22.94 -18.11 3.07
C THR B 97 -22.04 -17.34 2.11
N THR B 98 -21.32 -16.30 2.57
CA THR B 98 -20.25 -15.67 1.80
C THR B 98 -20.80 -15.01 0.53
N ASN B 99 -22.12 -15.03 0.35
CA ASN B 99 -22.72 -14.49 -0.86
C ASN B 99 -22.66 -12.96 -0.88
N LYS B 100 -22.73 -12.41 -2.08
CA LYS B 100 -22.85 -10.97 -2.30
C LYS B 100 -24.31 -10.63 -2.52
N VAL B 101 -24.80 -9.66 -1.77
CA VAL B 101 -26.19 -9.23 -1.89
C VAL B 101 -26.32 -8.03 -2.82
N HIS B 102 -25.43 -7.05 -2.73
CA HIS B 102 -25.53 -5.87 -3.56
C HIS B 102 -24.15 -5.38 -3.98
N ALA B 103 -24.08 -4.75 -5.14
CA ALA B 103 -22.86 -4.10 -5.61
C ALA B 103 -23.25 -2.79 -6.26
N ILE B 104 -22.73 -1.68 -5.74
CA ILE B 104 -23.12 -0.34 -6.16
C ILE B 104 -21.88 0.38 -6.69
N PRO B 105 -21.91 0.86 -7.93
CA PRO B 105 -20.84 1.74 -8.41
C PRO B 105 -21.01 3.14 -7.87
N LEU B 106 -19.97 3.95 -8.03
CA LEU B 106 -19.93 5.28 -7.46
C LEU B 106 -19.51 6.29 -8.52
N ARG B 107 -19.93 7.54 -8.32
CA ARG B 107 -19.48 8.61 -9.20
C ARG B 107 -18.02 8.96 -8.97
N SER B 108 -17.57 8.90 -7.72
CA SER B 108 -16.19 9.17 -7.37
C SER B 108 -15.53 7.88 -6.93
N SER B 109 -14.38 7.56 -7.51
CA SER B 109 -13.67 6.33 -7.18
C SER B 109 -12.85 6.45 -5.90
N TRP B 110 -12.77 7.64 -5.31
CA TRP B 110 -11.96 7.87 -4.11
C TRP B 110 -12.89 8.03 -2.92
N VAL B 111 -13.17 6.92 -2.23
CA VAL B 111 -14.05 6.91 -1.07
C VAL B 111 -13.25 6.50 0.15
N MET B 112 -13.54 7.15 1.28
CA MET B 112 -12.82 6.90 2.51
C MET B 112 -13.69 6.33 3.63
N THR B 113 -15.00 6.23 3.43
CA THR B 113 -15.87 5.79 4.51
C THR B 113 -17.17 5.25 3.95
N CYS B 114 -17.80 4.38 4.73
CA CYS B 114 -19.13 3.86 4.45
C CYS B 114 -19.86 3.66 5.77
N ALA B 115 -21.17 3.86 5.73
CA ALA B 115 -22.02 3.67 6.90
C ALA B 115 -23.28 2.93 6.46
N TYR B 116 -23.85 2.17 7.38
CA TYR B 116 -25.03 1.36 7.10
C TYR B 116 -26.11 1.75 8.09
N ALA B 117 -27.31 2.01 7.59
CA ALA B 117 -28.36 2.55 8.46
C ALA B 117 -28.83 1.50 9.46
N PRO B 118 -29.23 1.94 10.65
CA PRO B 118 -29.73 0.96 11.64
C PRO B 118 -30.96 0.20 11.19
N SER B 119 -31.83 0.82 10.39
CA SER B 119 -33.02 0.13 9.90
C SER B 119 -32.69 -0.87 8.80
N GLY B 120 -31.61 -0.63 8.06
CA GLY B 120 -31.24 -1.48 6.95
C GLY B 120 -31.72 -1.02 5.60
N ASN B 121 -32.23 0.21 5.49
CA ASN B 121 -32.80 0.69 4.24
C ASN B 121 -31.85 1.59 3.44
N TYR B 122 -30.87 2.20 4.09
CA TYR B 122 -29.95 3.09 3.39
C TYR B 122 -28.51 2.72 3.72
N VAL B 123 -27.62 3.08 2.80
CA VAL B 123 -26.18 3.11 3.05
C VAL B 123 -25.69 4.49 2.68
N ALA B 124 -24.52 4.84 3.18
CA ALA B 124 -23.93 6.14 2.90
C ALA B 124 -22.44 5.97 2.61
N CYS B 125 -21.92 6.83 1.73
CA CYS B 125 -20.51 6.81 1.40
C CYS B 125 -20.01 8.23 1.18
N GLY B 126 -18.70 8.40 1.21
CA GLY B 126 -18.11 9.73 1.13
C GLY B 126 -16.90 9.81 0.23
N GLY B 127 -15.81 10.37 0.73
CA GLY B 127 -14.56 10.39 0.00
C GLY B 127 -13.99 11.75 -0.33
N LEU B 128 -13.08 11.79 -1.31
CA LEU B 128 -12.37 13.00 -1.68
C LEU B 128 -13.22 13.95 -2.53
N ASP B 129 -14.46 13.60 -2.83
CA ASP B 129 -15.36 14.51 -3.54
C ASP B 129 -16.00 15.54 -2.63
N ASN B 130 -15.77 15.46 -1.31
CA ASN B 130 -16.38 16.36 -0.33
C ASN B 130 -17.90 16.29 -0.34
N ILE B 131 -18.44 15.11 -0.63
CA ILE B 131 -19.88 14.92 -0.75
C ILE B 131 -20.26 13.61 -0.06
N CYS B 132 -21.34 13.63 0.70
CA CYS B 132 -21.88 12.41 1.30
C CYS B 132 -23.06 11.93 0.47
N SER B 133 -22.93 10.75 -0.12
CA SER B 133 -23.99 10.17 -0.95
C SER B 133 -24.78 9.16 -0.14
N ILE B 134 -26.11 9.25 -0.22
CA ILE B 134 -27.02 8.32 0.44
C ILE B 134 -27.67 7.44 -0.62
N TYR B 135 -27.55 6.13 -0.45
CA TYR B 135 -28.10 5.16 -1.39
C TYR B 135 -29.26 4.43 -0.72
N ASN B 136 -30.38 4.37 -1.42
CA ASN B 136 -31.59 3.69 -0.95
C ASN B 136 -31.55 2.23 -1.35
N LEU B 137 -31.74 1.33 -0.38
CA LEU B 137 -31.66 -0.10 -0.63
C LEU B 137 -33.01 -0.77 -0.89
N LYS B 138 -34.11 -0.18 -0.43
CA LYS B 138 -35.44 -0.78 -0.54
C LYS B 138 -36.31 0.11 -1.41
N THR B 139 -36.41 -0.24 -2.70
CA THR B 139 -37.20 0.53 -3.64
C THR B 139 -38.01 -0.41 -4.53
N ARG B 140 -39.10 0.10 -5.08
CA ARG B 140 -39.94 -0.68 -5.98
C ARG B 140 -39.57 -0.53 -7.44
N GLU B 141 -39.03 0.63 -7.82
CA GLU B 141 -38.58 0.88 -9.19
C GLU B 141 -37.06 0.78 -9.25
N GLY B 142 -36.56 -0.03 -10.18
CA GLY B 142 -35.14 -0.25 -10.25
C GLY B 142 -34.65 -1.12 -9.11
N ASN B 143 -33.34 -1.07 -8.87
CA ASN B 143 -32.71 -1.83 -7.81
C ASN B 143 -32.13 -0.93 -6.72
N VAL B 144 -31.19 -0.06 -7.08
CA VAL B 144 -30.59 0.89 -6.15
C VAL B 144 -30.35 2.19 -6.89
N ARG B 145 -30.40 3.30 -6.16
CA ARG B 145 -30.15 4.60 -6.75
C ARG B 145 -29.76 5.55 -5.63
N VAL B 146 -29.09 6.63 -6.00
CA VAL B 146 -28.73 7.66 -5.02
C VAL B 146 -29.92 8.58 -4.82
N SER B 147 -30.30 8.80 -3.56
CA SER B 147 -31.44 9.64 -3.24
C SER B 147 -31.05 11.00 -2.68
N ARG B 148 -29.83 11.18 -2.20
CA ARG B 148 -29.39 12.46 -1.67
C ARG B 148 -27.88 12.60 -1.79
N GLU B 149 -27.44 13.82 -2.10
CA GLU B 149 -26.02 14.17 -2.18
C GLU B 149 -25.79 15.37 -1.26
N LEU B 150 -25.48 15.08 0.00
CA LEU B 150 -25.22 16.14 0.97
C LEU B 150 -23.89 16.81 0.65
N ALA B 151 -23.95 18.12 0.37
CA ALA B 151 -22.78 18.91 0.03
C ALA B 151 -22.70 20.13 0.93
N GLY B 152 -21.50 20.68 1.06
CA GLY B 152 -21.30 21.82 1.93
C GLY B 152 -19.96 21.81 2.65
N HIS B 153 -19.40 20.64 2.84
CA HIS B 153 -18.06 20.54 3.38
C HIS B 153 -17.05 21.04 2.36
N THR B 154 -15.95 21.61 2.86
CA THR B 154 -14.85 22.08 2.02
C THR B 154 -13.63 21.18 2.13
N GLY B 155 -13.80 19.95 2.62
CA GLY B 155 -12.72 18.99 2.72
C GLY B 155 -13.27 17.60 2.55
N TYR B 156 -12.36 16.63 2.53
CA TYR B 156 -12.75 15.25 2.27
C TYR B 156 -13.53 14.68 3.44
N LEU B 157 -14.57 13.91 3.13
CA LEU B 157 -15.30 13.17 4.15
C LEU B 157 -14.42 12.06 4.72
N SER B 158 -14.33 12.00 6.05
CA SER B 158 -13.52 10.97 6.68
C SER B 158 -14.32 9.95 7.48
N CYS B 159 -15.52 10.31 7.94
CA CYS B 159 -16.36 9.37 8.67
C CYS B 159 -17.79 9.90 8.64
N CYS B 160 -18.75 8.98 8.69
CA CYS B 160 -20.15 9.34 8.75
C CYS B 160 -20.91 8.23 9.45
N ARG B 161 -21.90 8.62 10.26
CA ARG B 161 -22.71 7.66 11.01
C ARG B 161 -24.17 8.10 10.94
N PHE B 162 -25.06 7.11 11.02
CA PHE B 162 -26.50 7.35 10.97
C PHE B 162 -27.04 7.47 12.39
N LEU B 163 -27.79 8.53 12.66
CA LEU B 163 -28.53 8.63 13.91
C LEU B 163 -29.91 7.97 13.78
N ASP B 164 -30.64 8.32 12.73
CA ASP B 164 -31.90 7.70 12.37
C ASP B 164 -31.89 7.50 10.86
N ASP B 165 -33.04 7.18 10.29
CA ASP B 165 -33.17 7.15 8.84
C ASP B 165 -33.32 8.54 8.24
N ASN B 166 -33.29 9.59 9.07
CA ASN B 166 -33.51 10.95 8.61
C ASN B 166 -32.34 11.87 8.92
N GLN B 167 -31.49 11.53 9.89
CA GLN B 167 -30.38 12.37 10.29
C GLN B 167 -29.06 11.64 10.10
N ILE B 168 -27.98 12.40 9.95
CA ILE B 168 -26.66 11.85 9.73
C ILE B 168 -25.62 12.80 10.29
N VAL B 169 -24.51 12.24 10.79
CA VAL B 169 -23.41 13.00 11.36
C VAL B 169 -22.16 12.69 10.55
N THR B 170 -21.50 13.74 10.07
CA THR B 170 -20.33 13.60 9.20
C THR B 170 -19.15 14.36 9.78
N SER B 171 -17.95 13.87 9.49
CA SER B 171 -16.70 14.53 9.86
C SER B 171 -15.86 14.72 8.61
N SER B 172 -15.18 15.86 8.53
CA SER B 172 -14.50 16.24 7.30
C SER B 172 -13.06 16.67 7.59
N GLY B 173 -12.33 16.87 6.50
CA GLY B 173 -10.96 17.34 6.57
C GLY B 173 -10.87 18.86 6.56
N ASP B 174 -11.98 19.52 6.86
CA ASP B 174 -11.99 20.96 7.08
C ASP B 174 -12.11 21.30 8.56
N THR B 175 -11.84 20.32 9.43
CA THR B 175 -11.79 20.45 10.89
C THR B 175 -13.14 20.67 11.54
N THR B 176 -14.24 20.50 10.81
CA THR B 176 -15.57 20.67 11.38
C THR B 176 -16.39 19.39 11.22
N CYS B 177 -17.23 19.11 12.21
CA CYS B 177 -18.25 18.08 12.10
C CYS B 177 -19.59 18.72 11.75
N ALA B 178 -20.48 17.93 11.18
CA ALA B 178 -21.77 18.46 10.78
C ALA B 178 -22.87 17.45 11.07
N LEU B 179 -24.05 17.97 11.40
CA LEU B 179 -25.25 17.16 11.55
C LEU B 179 -26.26 17.65 10.53
N TRP B 180 -26.72 16.74 9.66
CA TRP B 180 -27.52 17.08 8.49
C TRP B 180 -28.99 16.76 8.72
N ASP B 181 -29.77 16.88 7.65
CA ASP B 181 -31.19 16.52 7.65
C ASP B 181 -31.48 15.94 6.27
N ILE B 182 -31.45 14.61 6.16
CA ILE B 182 -31.42 13.95 4.86
C ILE B 182 -32.70 14.20 4.06
N GLU B 183 -33.79 14.58 4.72
CA GLU B 183 -35.03 14.87 3.98
C GLU B 183 -34.84 16.03 3.01
N THR B 184 -34.15 17.09 3.45
CA THR B 184 -33.90 18.25 2.61
C THR B 184 -32.43 18.45 2.25
N GLY B 185 -31.52 17.65 2.79
CA GLY B 185 -30.11 17.82 2.52
C GLY B 185 -29.54 19.13 3.02
N GLN B 186 -29.89 19.50 4.25
CA GLN B 186 -29.46 20.76 4.84
C GLN B 186 -28.59 20.50 6.06
N GLN B 187 -27.61 21.37 6.27
CA GLN B 187 -26.78 21.33 7.47
C GLN B 187 -27.61 21.83 8.65
N THR B 188 -28.11 20.89 9.45
CA THR B 188 -28.85 21.28 10.65
C THR B 188 -27.93 22.03 11.61
N THR B 189 -26.73 21.52 11.84
CA THR B 189 -25.81 22.20 12.74
C THR B 189 -24.37 21.86 12.42
N THR B 190 -23.45 22.68 12.94
CA THR B 190 -22.02 22.55 12.71
C THR B 190 -21.27 22.57 14.02
N PHE B 191 -20.38 21.61 14.21
CA PHE B 191 -19.54 21.51 15.38
C PHE B 191 -18.13 21.94 15.00
N THR B 192 -17.63 22.97 15.68
CA THR B 192 -16.33 23.56 15.37
C THR B 192 -15.49 23.62 16.64
N GLY B 193 -14.17 23.68 16.46
CA GLY B 193 -13.25 23.71 17.58
C GLY B 193 -11.97 22.95 17.34
N HIS B 194 -12.00 21.94 16.46
CA HIS B 194 -10.79 21.21 16.13
C HIS B 194 -9.84 22.08 15.31
N THR B 195 -8.55 21.89 15.54
CA THR B 195 -7.52 22.60 14.79
C THR B 195 -6.81 21.72 13.77
N GLY B 196 -7.35 20.52 13.52
CA GLY B 196 -6.75 19.62 12.55
C GLY B 196 -7.83 18.74 11.94
N ASP B 197 -7.43 18.01 10.90
CA ASP B 197 -8.36 17.16 10.18
C ASP B 197 -9.02 16.17 11.11
N VAL B 198 -10.35 16.08 11.05
CA VAL B 198 -11.11 15.16 11.88
C VAL B 198 -11.15 13.81 11.19
N MET B 199 -10.63 12.78 11.86
CA MET B 199 -10.42 11.49 11.22
C MET B 199 -11.44 10.44 11.64
N SER B 200 -11.83 10.39 12.90
CA SER B 200 -12.72 9.36 13.39
C SER B 200 -13.94 10.00 14.07
N LEU B 201 -14.88 9.14 14.48
CA LEU B 201 -16.15 9.57 15.03
C LEU B 201 -16.83 8.34 15.64
N SER B 202 -17.45 8.51 16.80
CA SER B 202 -18.16 7.42 17.45
C SER B 202 -19.41 7.95 18.13
N LEU B 203 -20.51 7.21 17.98
CA LEU B 203 -21.79 7.60 18.55
C LEU B 203 -22.00 6.94 19.90
N ALA B 204 -22.60 7.68 20.82
CA ALA B 204 -22.91 7.13 22.13
C ALA B 204 -24.01 6.08 22.00
N PRO B 205 -24.06 5.12 22.92
CA PRO B 205 -25.11 4.09 22.85
C PRO B 205 -26.52 4.65 22.86
N ASP B 206 -26.74 5.79 23.52
CA ASP B 206 -28.03 6.47 23.50
C ASP B 206 -28.14 7.51 22.38
N THR B 207 -27.10 7.70 21.58
CA THR B 207 -27.09 8.64 20.46
C THR B 207 -27.43 10.06 20.91
N ARG B 208 -27.00 10.43 22.11
CA ARG B 208 -27.18 11.76 22.67
C ARG B 208 -25.92 12.60 22.53
N LEU B 209 -24.76 11.99 22.66
CA LEU B 209 -23.47 12.63 22.50
C LEU B 209 -22.67 11.91 21.41
N PHE B 210 -21.53 12.48 21.05
CA PHE B 210 -20.59 11.75 20.21
C PHE B 210 -19.19 12.33 20.38
N VAL B 211 -18.20 11.45 20.25
CA VAL B 211 -16.80 11.82 20.41
C VAL B 211 -16.12 11.87 19.05
N SER B 212 -15.19 12.80 18.89
CA SER B 212 -14.45 12.95 17.64
C SER B 212 -12.96 13.07 17.94
N GLY B 213 -12.16 12.54 17.03
CA GLY B 213 -10.71 12.62 17.12
C GLY B 213 -10.14 13.27 15.88
N ALA B 214 -9.12 14.09 16.06
CA ALA B 214 -8.58 14.90 14.97
C ALA B 214 -7.06 14.78 14.95
N CYS B 215 -6.44 15.53 14.03
CA CYS B 215 -5.00 15.49 13.82
C CYS B 215 -4.25 16.51 14.67
N ASP B 216 -4.86 17.01 15.73
CA ASP B 216 -4.16 17.83 16.71
C ASP B 216 -3.94 17.08 18.02
N ALA B 217 -4.03 15.75 17.99
CA ALA B 217 -3.79 14.90 19.15
C ALA B 217 -4.77 15.21 20.29
N SER B 218 -6.01 15.54 19.94
CA SER B 218 -7.02 15.84 20.94
C SER B 218 -8.34 15.19 20.54
N ALA B 219 -9.10 14.76 21.54
CA ALA B 219 -10.44 14.23 21.35
C ALA B 219 -11.46 15.18 21.97
N LYS B 220 -12.65 15.23 21.40
CA LYS B 220 -13.68 16.14 21.86
C LYS B 220 -15.00 15.41 22.01
N LEU B 221 -15.76 15.78 23.05
CA LEU B 221 -17.08 15.21 23.30
C LEU B 221 -18.14 16.27 23.02
N TRP B 222 -19.04 15.99 22.09
CA TRP B 222 -20.03 16.94 21.64
C TRP B 222 -21.42 16.49 22.05
N ASP B 223 -22.26 17.44 22.45
CA ASP B 223 -23.68 17.22 22.64
C ASP B 223 -24.41 17.52 21.34
N VAL B 224 -25.17 16.55 20.85
CA VAL B 224 -25.70 16.62 19.48
C VAL B 224 -26.70 17.75 19.34
N ARG B 225 -27.63 17.87 20.27
CA ARG B 225 -28.74 18.81 20.11
C ARG B 225 -28.36 20.26 20.37
N GLU B 226 -27.45 20.53 21.30
CA GLU B 226 -27.06 21.91 21.56
C GLU B 226 -25.87 22.37 20.72
N GLY B 227 -25.01 21.45 20.30
CA GLY B 227 -23.90 21.79 19.42
C GLY B 227 -22.67 22.33 20.09
N MET B 228 -22.52 22.17 21.40
CA MET B 228 -21.37 22.70 22.12
C MET B 228 -20.45 21.57 22.54
N CYS B 229 -19.21 21.93 22.86
CA CYS B 229 -18.18 20.97 23.23
C CYS B 229 -18.16 20.82 24.75
N ARG B 230 -18.62 19.66 25.23
CA ARG B 230 -18.64 19.43 26.68
C ARG B 230 -17.24 19.31 27.25
N GLN B 231 -16.39 18.48 26.63
CA GLN B 231 -15.10 18.16 27.21
C GLN B 231 -14.06 17.96 26.11
N THR B 232 -12.82 18.30 26.45
CA THR B 232 -11.66 18.09 25.58
C THR B 232 -10.67 17.19 26.31
N PHE B 233 -10.24 16.13 25.63
CA PHE B 233 -9.31 15.16 26.19
C PHE B 233 -8.00 15.23 25.43
N THR B 234 -6.89 15.23 26.16
CA THR B 234 -5.55 15.25 25.62
C THR B 234 -4.76 14.06 26.18
N GLY B 235 -3.52 13.93 25.72
CA GLY B 235 -2.66 12.86 26.18
C GLY B 235 -1.91 12.17 25.07
N HIS B 236 -2.54 12.05 23.91
CA HIS B 236 -1.86 11.48 22.76
C HIS B 236 -0.79 12.44 22.25
N GLU B 237 0.21 11.88 21.57
CA GLU B 237 1.33 12.66 21.06
C GLU B 237 1.29 12.84 19.55
N SER B 238 0.29 12.30 18.86
CA SER B 238 0.21 12.43 17.42
C SER B 238 -1.25 12.36 16.99
N ASP B 239 -1.46 12.25 15.68
CA ASP B 239 -2.80 12.23 15.12
C ASP B 239 -3.60 11.07 15.70
N ILE B 240 -4.90 11.26 15.86
CA ILE B 240 -5.81 10.23 16.32
C ILE B 240 -6.54 9.67 15.11
N ASN B 241 -6.43 8.37 14.88
CA ASN B 241 -7.00 7.73 13.70
C ASN B 241 -8.29 6.96 13.98
N ALA B 242 -8.59 6.66 15.24
CA ALA B 242 -9.76 5.83 15.54
C ALA B 242 -10.22 6.08 16.97
N ILE B 243 -11.54 5.98 17.17
CA ILE B 243 -12.17 6.13 18.48
C ILE B 243 -13.34 5.15 18.56
N CYS B 244 -13.63 4.69 19.78
CA CYS B 244 -14.79 3.85 20.04
C CYS B 244 -15.26 4.05 21.47
N PHE B 245 -16.57 4.24 21.66
CA PHE B 245 -17.15 4.23 23.00
C PHE B 245 -17.07 2.86 23.65
N PHE B 246 -17.00 2.89 24.97
CA PHE B 246 -17.25 1.72 25.79
C PHE B 246 -18.71 1.29 25.64
N PRO B 247 -19.03 0.02 25.88
CA PRO B 247 -20.42 -0.43 25.73
C PRO B 247 -21.44 0.35 26.53
N ASN B 248 -21.11 0.81 27.74
CA ASN B 248 -22.07 1.55 28.54
C ASN B 248 -22.04 3.06 28.29
N GLY B 249 -21.09 3.55 27.49
CA GLY B 249 -21.07 4.94 27.12
C GLY B 249 -20.44 5.88 28.13
N ASN B 250 -19.79 5.37 29.17
CA ASN B 250 -19.14 6.19 30.16
C ASN B 250 -17.63 6.30 29.96
N ALA B 251 -17.10 5.71 28.89
CA ALA B 251 -15.67 5.75 28.61
C ALA B 251 -15.47 5.50 27.12
N PHE B 252 -14.28 5.81 26.63
CA PHE B 252 -13.97 5.52 25.24
C PHE B 252 -12.47 5.23 25.11
N ALA B 253 -12.09 4.76 23.91
CA ALA B 253 -10.71 4.41 23.62
C ALA B 253 -10.29 5.05 22.32
N THR B 254 -9.01 5.44 22.25
CA THR B 254 -8.45 6.13 21.11
C THR B 254 -7.19 5.42 20.64
N GLY B 255 -6.97 5.46 19.33
CA GLY B 255 -5.73 4.96 18.75
C GLY B 255 -5.07 6.04 17.91
N SER B 256 -3.77 6.07 18.00
CA SER B 256 -2.99 7.11 17.38
C SER B 256 -1.84 6.70 16.55
N ASP B 257 -1.22 7.63 15.86
CA ASP B 257 -0.02 7.33 15.07
C ASP B 257 1.22 7.18 15.92
N ASP B 258 1.17 7.51 17.20
CA ASP B 258 2.32 7.32 18.08
C ASP B 258 2.41 5.91 18.65
N ALA B 259 1.66 4.96 18.08
CA ALA B 259 1.79 3.53 18.37
C ALA B 259 1.33 3.19 19.80
N THR B 260 0.21 3.78 20.23
CA THR B 260 -0.37 3.41 21.51
C THR B 260 -1.87 3.67 21.47
N CYS B 261 -2.63 2.86 22.22
CA CYS B 261 -4.04 3.11 22.45
C CYS B 261 -4.22 3.66 23.85
N ARG B 262 -5.30 4.39 24.07
CA ARG B 262 -5.55 4.96 25.38
C ARG B 262 -7.03 4.85 25.72
N LEU B 263 -7.31 4.79 27.02
CA LEU B 263 -8.67 4.74 27.54
C LEU B 263 -8.95 6.00 28.33
N PHE B 264 -10.06 6.67 28.01
CA PHE B 264 -10.47 7.90 28.67
C PHE B 264 -11.83 7.70 29.34
N ASP B 265 -12.01 8.33 30.49
CA ASP B 265 -13.27 8.29 31.23
C ASP B 265 -13.96 9.64 31.11
N LEU B 266 -15.26 9.62 30.80
CA LEU B 266 -16.01 10.87 30.66
C LEU B 266 -16.24 11.53 32.01
N ARG B 267 -16.60 10.75 33.03
CA ARG B 267 -16.89 11.36 34.33
C ARG B 267 -15.62 11.83 35.03
N ALA B 268 -14.58 10.99 35.03
CA ALA B 268 -13.33 11.39 35.66
C ALA B 268 -12.58 12.44 34.83
N ASP B 269 -12.82 12.46 33.52
CA ASP B 269 -12.28 13.48 32.61
C ASP B 269 -10.75 13.41 32.53
N GLN B 270 -10.24 12.21 32.32
CA GLN B 270 -8.79 12.00 32.16
C GLN B 270 -8.55 10.60 31.65
N GLU B 271 -7.28 10.23 31.53
CA GLU B 271 -6.86 8.93 31.03
C GLU B 271 -6.86 7.89 32.14
N LEU B 272 -7.05 6.63 31.74
CA LEU B 272 -7.05 5.49 32.66
C LEU B 272 -5.96 4.48 32.37
N MET B 273 -5.84 4.05 31.11
CA MET B 273 -4.80 3.14 30.65
C MET B 273 -4.19 3.61 29.35
N THR B 274 -2.93 3.24 29.15
CA THR B 274 -2.30 3.25 27.85
C THR B 274 -1.91 1.81 27.51
N TYR B 275 -2.27 1.39 26.31
CA TYR B 275 -2.00 0.04 25.80
C TYR B 275 -0.93 0.16 24.73
N SER B 276 0.27 -0.32 25.05
CA SER B 276 1.40 -0.25 24.15
C SER B 276 2.43 -1.27 24.59
N HIS B 277 3.37 -1.55 23.68
CA HIS B 277 4.49 -2.43 23.97
C HIS B 277 5.71 -1.95 23.20
N ASP B 278 6.90 -2.24 23.72
CA ASP B 278 8.12 -1.75 23.11
C ASP B 278 8.36 -2.36 21.73
N ASN B 279 7.71 -3.46 21.40
CA ASN B 279 7.87 -4.09 20.09
C ASN B 279 7.02 -3.44 19.01
N ILE B 280 6.14 -2.51 19.36
CA ILE B 280 5.24 -1.88 18.41
C ILE B 280 5.71 -0.46 18.15
N ILE B 281 6.00 -0.15 16.89
CA ILE B 281 6.41 1.19 16.49
C ILE B 281 5.59 1.65 15.28
N CYS B 282 4.41 1.06 15.11
CA CYS B 282 3.52 1.41 14.01
C CYS B 282 2.20 1.93 14.57
N GLY B 283 1.57 2.85 13.83
CA GLY B 283 0.36 3.47 14.31
C GLY B 283 -0.85 2.56 14.22
N ILE B 284 -1.86 2.89 15.03
CA ILE B 284 -3.13 2.18 15.05
C ILE B 284 -4.07 2.81 14.03
N THR B 285 -4.71 1.97 13.22
CA THR B 285 -5.65 2.43 12.21
C THR B 285 -7.11 2.29 12.63
N SER B 286 -7.41 1.44 13.61
CA SER B 286 -8.80 1.18 13.98
C SER B 286 -8.84 0.51 15.34
N VAL B 287 -9.88 0.82 16.11
CA VAL B 287 -10.12 0.24 17.42
C VAL B 287 -11.59 -0.16 17.53
N SER B 288 -11.86 -1.11 18.41
CA SER B 288 -13.22 -1.54 18.70
C SER B 288 -13.20 -2.35 19.99
N PHE B 289 -14.38 -2.53 20.57
CA PHE B 289 -14.52 -3.20 21.85
C PHE B 289 -15.24 -4.53 21.69
N SER B 290 -15.25 -5.30 22.77
CA SER B 290 -16.06 -6.51 22.85
C SER B 290 -17.42 -6.17 23.43
N LYS B 291 -18.32 -7.15 23.43
CA LYS B 291 -19.69 -6.91 23.90
C LYS B 291 -19.69 -6.51 25.37
N SER B 292 -18.92 -7.20 26.20
CA SER B 292 -18.83 -6.86 27.62
C SER B 292 -17.80 -5.79 27.92
N GLY B 293 -16.98 -5.41 26.95
CA GLY B 293 -15.97 -4.38 27.16
C GLY B 293 -14.67 -4.85 27.75
N ARG B 294 -14.49 -6.16 27.94
CA ARG B 294 -13.26 -6.68 28.52
C ARG B 294 -12.12 -6.70 27.51
N LEU B 295 -12.41 -6.82 26.22
CA LEU B 295 -11.40 -6.93 25.19
C LEU B 295 -11.40 -5.70 24.30
N LEU B 296 -10.21 -5.16 24.03
CA LEU B 296 -10.04 -4.05 23.10
C LEU B 296 -9.21 -4.55 21.92
N LEU B 297 -9.79 -4.53 20.74
CA LEU B 297 -9.12 -4.99 19.53
C LEU B 297 -8.61 -3.80 18.74
N ALA B 298 -7.36 -3.87 18.30
CA ALA B 298 -6.75 -2.78 17.54
C ALA B 298 -6.08 -3.34 16.30
N GLY B 299 -6.12 -2.57 15.22
CA GLY B 299 -5.45 -2.91 13.97
C GLY B 299 -4.29 -1.97 13.74
N TYR B 300 -3.20 -2.51 13.20
CA TYR B 300 -1.94 -1.77 13.14
C TYR B 300 -1.46 -1.61 11.71
N ASP B 301 -0.39 -0.83 11.57
CA ASP B 301 0.27 -0.67 10.28
C ASP B 301 1.17 -1.84 9.92
N ASP B 302 1.59 -2.64 10.90
CA ASP B 302 2.47 -3.77 10.65
C ASP B 302 1.72 -5.03 10.22
N PHE B 303 0.51 -4.87 9.67
CA PHE B 303 -0.32 -5.86 9.01
C PHE B 303 -1.10 -6.72 10.02
N ASN B 304 -0.94 -6.52 11.31
CA ASN B 304 -1.52 -7.39 12.33
C ASN B 304 -2.70 -6.73 13.03
N CYS B 305 -3.37 -7.54 13.85
CA CYS B 305 -4.36 -7.07 14.82
C CYS B 305 -3.97 -7.60 16.18
N ASN B 306 -4.14 -6.78 17.22
CA ASN B 306 -3.81 -7.16 18.59
C ASN B 306 -5.05 -7.07 19.46
N VAL B 307 -5.24 -8.06 20.33
CA VAL B 307 -6.35 -8.11 21.26
C VAL B 307 -5.79 -7.90 22.65
N TRP B 308 -6.15 -6.77 23.26
CA TRP B 308 -5.69 -6.39 24.60
C TRP B 308 -6.76 -6.69 25.63
N ASP B 309 -6.32 -7.17 26.79
CA ASP B 309 -7.17 -7.18 27.98
C ASP B 309 -7.39 -5.74 28.41
N ALA B 310 -8.62 -5.24 28.27
CA ALA B 310 -8.90 -3.83 28.49
C ALA B 310 -8.82 -3.43 29.96
N LEU B 311 -8.79 -4.37 30.88
CA LEU B 311 -8.72 -4.05 32.30
C LEU B 311 -7.32 -4.15 32.88
N LYS B 312 -6.39 -4.80 32.18
CA LYS B 312 -5.05 -5.01 32.70
C LYS B 312 -3.94 -4.65 31.72
N ALA B 313 -4.28 -4.21 30.50
CA ALA B 313 -3.32 -3.66 29.55
C ALA B 313 -2.22 -4.66 29.19
N ASP B 314 -2.58 -5.94 29.11
CA ASP B 314 -1.68 -6.96 28.62
C ASP B 314 -2.21 -7.51 27.31
N ARG B 315 -1.33 -7.68 26.33
CA ARG B 315 -1.74 -8.24 25.05
C ARG B 315 -2.20 -9.67 25.28
N ALA B 316 -3.46 -9.96 24.92
CA ALA B 316 -4.04 -11.27 25.15
C ALA B 316 -4.15 -12.10 23.87
N GLY B 317 -4.03 -11.50 22.70
CA GLY B 317 -4.12 -12.29 21.49
C GLY B 317 -3.65 -11.53 20.27
N VAL B 318 -3.50 -12.26 19.17
CA VAL B 318 -3.08 -11.70 17.90
C VAL B 318 -3.95 -12.29 16.80
N LEU B 319 -4.41 -11.45 15.89
CA LEU B 319 -5.09 -11.87 14.67
C LEU B 319 -4.17 -11.50 13.50
N ALA B 320 -3.58 -12.51 12.86
CA ALA B 320 -2.61 -12.31 11.80
C ALA B 320 -3.00 -13.18 10.60
N GLY B 321 -3.63 -12.58 9.61
CA GLY B 321 -3.93 -13.28 8.38
C GLY B 321 -3.85 -12.37 7.16
N HIS B 322 -3.37 -11.14 7.36
CA HIS B 322 -3.36 -10.13 6.32
C HIS B 322 -1.94 -9.89 5.82
N ASP B 323 -1.84 -9.46 4.56
CA ASP B 323 -0.56 -9.22 3.92
C ASP B 323 -0.26 -7.74 3.70
N ASN B 324 -1.23 -6.86 3.91
CA ASN B 324 -1.02 -5.43 3.77
C ASN B 324 -1.58 -4.69 4.99
N ARG B 325 -1.55 -3.36 4.93
CA ARG B 325 -2.05 -2.55 6.03
C ARG B 325 -3.51 -2.88 6.32
N VAL B 326 -3.82 -3.09 7.60
CA VAL B 326 -5.20 -3.34 8.02
C VAL B 326 -5.84 -2.00 8.39
N SER B 327 -7.02 -1.75 7.81
CA SER B 327 -7.65 -0.44 7.91
C SER B 327 -9.07 -0.47 8.44
N CYS B 328 -9.76 -1.60 8.40
CA CYS B 328 -11.15 -1.70 8.83
C CYS B 328 -11.23 -2.73 9.94
N LEU B 329 -12.01 -2.43 10.97
CA LEU B 329 -12.21 -3.39 12.05
C LEU B 329 -13.58 -3.12 12.68
N GLY B 330 -14.36 -4.17 12.86
CA GLY B 330 -15.68 -4.02 13.43
C GLY B 330 -16.14 -5.27 14.15
N VAL B 331 -16.97 -5.09 15.16
CA VAL B 331 -17.53 -6.18 15.96
C VAL B 331 -19.05 -6.13 15.85
N THR B 332 -19.68 -7.29 15.72
CA THR B 332 -21.12 -7.35 15.57
C THR B 332 -21.82 -6.92 16.86
N ASP B 333 -23.07 -6.48 16.70
CA ASP B 333 -23.88 -6.10 17.85
C ASP B 333 -24.18 -7.28 18.76
N ASP B 334 -24.12 -8.50 18.24
CA ASP B 334 -24.26 -9.70 19.06
C ASP B 334 -22.97 -10.10 19.74
N GLY B 335 -21.85 -9.45 19.41
CA GLY B 335 -20.57 -9.83 19.98
C GLY B 335 -20.08 -11.18 19.51
N MET B 336 -20.52 -11.62 18.33
CA MET B 336 -20.24 -12.97 17.86
C MET B 336 -18.93 -13.03 17.08
N ALA B 337 -18.82 -12.24 16.02
CA ALA B 337 -17.68 -12.29 15.11
C ALA B 337 -17.06 -10.92 14.95
N VAL B 338 -15.80 -10.90 14.56
CA VAL B 338 -15.07 -9.68 14.22
C VAL B 338 -14.81 -9.69 12.72
N ALA B 339 -14.78 -8.51 12.12
CA ALA B 339 -14.47 -8.37 10.70
C ALA B 339 -13.33 -7.40 10.53
N THR B 340 -12.33 -7.77 9.73
CA THR B 340 -11.20 -6.93 9.43
C THR B 340 -11.08 -6.72 7.92
N GLY B 341 -10.60 -5.55 7.55
CA GLY B 341 -10.41 -5.22 6.15
C GLY B 341 -9.06 -4.57 5.94
N SER B 342 -8.39 -4.96 4.88
CA SER B 342 -7.00 -4.59 4.66
C SER B 342 -6.81 -4.00 3.28
N TRP B 343 -5.60 -3.48 3.05
CA TRP B 343 -5.24 -2.90 1.75
C TRP B 343 -4.95 -3.94 0.68
N ASP B 344 -4.92 -5.22 1.04
CA ASP B 344 -4.78 -6.28 0.06
C ASP B 344 -6.10 -6.69 -0.56
N SER B 345 -7.17 -5.93 -0.29
CA SER B 345 -8.48 -6.08 -0.93
C SER B 345 -9.24 -7.32 -0.47
N PHE B 346 -9.02 -7.77 0.76
CA PHE B 346 -9.72 -8.92 1.31
C PHE B 346 -10.38 -8.56 2.62
N LEU B 347 -11.60 -9.06 2.80
CA LEU B 347 -12.31 -8.96 4.06
C LEU B 347 -12.25 -10.31 4.77
N LYS B 348 -11.90 -10.30 6.05
CA LYS B 348 -11.81 -11.52 6.83
C LYS B 348 -12.74 -11.44 8.01
N ILE B 349 -13.30 -12.60 8.38
CA ILE B 349 -14.17 -12.73 9.54
C ILE B 349 -13.49 -13.68 10.52
N TRP B 350 -13.41 -13.27 11.77
CA TRP B 350 -12.79 -14.04 12.83
C TRP B 350 -13.81 -14.30 13.93
N ASN B 351 -13.50 -15.28 14.77
CA ASN B 351 -14.43 -15.71 15.80
C ASN B 351 -13.70 -16.28 17.01
N SER C 8 -6.02 35.04 15.18
CA SER C 8 -5.48 36.22 15.84
C SER C 8 -6.26 36.55 17.11
N ILE C 9 -6.72 37.80 17.21
CA ILE C 9 -7.51 38.20 18.37
C ILE C 9 -8.90 37.57 18.34
N ALA C 10 -9.45 37.35 17.14
CA ALA C 10 -10.85 36.95 17.03
C ALA C 10 -11.09 35.59 17.70
N GLN C 11 -10.30 34.58 17.34
CA GLN C 11 -10.45 33.28 17.99
C GLN C 11 -9.90 33.26 19.41
N ALA C 12 -9.00 34.19 19.74
CA ALA C 12 -8.52 34.29 21.11
C ALA C 12 -9.65 34.64 22.07
N ARG C 13 -10.64 35.40 21.61
CA ARG C 13 -11.82 35.68 22.41
C ARG C 13 -12.71 34.46 22.62
N LYS C 14 -12.49 33.38 21.86
CA LYS C 14 -13.31 32.19 21.96
C LYS C 14 -12.63 31.06 22.73
N LEU C 15 -11.35 30.78 22.44
CA LEU C 15 -10.65 29.69 23.09
C LEU C 15 -10.61 29.86 24.60
N VAL C 16 -10.60 31.11 25.08
CA VAL C 16 -10.66 31.33 26.52
C VAL C 16 -12.05 30.98 27.06
N GLU C 17 -13.11 31.41 26.35
CA GLU C 17 -14.47 31.18 26.84
C GLU C 17 -14.75 29.70 26.97
N GLN C 18 -14.41 28.92 25.94
CA GLN C 18 -14.55 27.47 26.02
C GLN C 18 -13.85 26.91 27.25
N LEU C 19 -12.66 27.42 27.56
CA LEU C 19 -11.96 26.95 28.75
C LEU C 19 -12.77 27.27 30.00
N LYS C 20 -13.32 28.48 30.09
CA LYS C 20 -14.16 28.80 31.23
C LYS C 20 -15.39 27.91 31.27
N MET C 21 -15.84 27.42 30.11
CA MET C 21 -16.97 26.51 30.04
C MET C 21 -16.56 25.06 30.30
N GLU C 22 -15.27 24.76 30.34
CA GLU C 22 -14.82 23.38 30.57
C GLU C 22 -14.24 23.17 31.96
N ALA C 23 -13.82 24.23 32.64
CA ALA C 23 -13.30 24.09 33.99
C ALA C 23 -14.42 24.05 35.04
N ASN C 24 -15.63 24.46 34.68
CA ASN C 24 -16.76 24.42 35.61
C ASN C 24 -17.65 23.21 35.34
N ILE C 25 -17.06 22.02 35.55
CA ILE C 25 -17.81 20.77 35.54
C ILE C 25 -17.44 19.99 36.81
N ASP C 26 -18.15 18.89 37.02
CA ASP C 26 -18.00 18.09 38.22
C ASP C 26 -17.26 16.80 37.88
N ARG C 27 -16.22 16.50 38.66
CA ARG C 27 -15.39 15.32 38.43
C ARG C 27 -15.46 14.41 39.64
N ILE C 28 -15.70 13.12 39.39
CA ILE C 28 -15.62 12.11 40.42
C ILE C 28 -14.21 11.55 40.44
N LYS C 29 -13.86 10.88 41.54
CA LYS C 29 -12.53 10.31 41.66
C LYS C 29 -12.35 9.17 40.66
N VAL C 30 -11.07 8.91 40.33
CA VAL C 30 -10.75 7.81 39.42
C VAL C 30 -11.15 6.48 40.02
N SER C 31 -11.10 6.35 41.35
CA SER C 31 -11.45 5.09 42.00
C SER C 31 -12.88 4.69 41.70
N LYS C 32 -13.82 5.65 41.80
CA LYS C 32 -15.23 5.34 41.56
C LYS C 32 -15.47 4.93 40.11
N ALA C 33 -14.93 5.69 39.16
CA ALA C 33 -15.14 5.38 37.75
C ALA C 33 -14.51 4.04 37.39
N ALA C 34 -13.30 3.78 37.89
CA ALA C 34 -12.63 2.51 37.61
C ALA C 34 -13.42 1.35 38.19
N ALA C 35 -13.89 1.48 39.43
CA ALA C 35 -14.69 0.42 40.04
C ALA C 35 -15.97 0.17 39.27
N ASP C 36 -16.66 1.24 38.86
CA ASP C 36 -17.89 1.08 38.09
C ASP C 36 -17.63 0.38 36.76
N LEU C 37 -16.56 0.77 36.07
CA LEU C 37 -16.23 0.14 34.79
C LEU C 37 -15.90 -1.35 34.97
N MET C 38 -15.11 -1.67 35.99
CA MET C 38 -14.76 -3.07 36.23
C MET C 38 -15.99 -3.90 36.62
N ALA C 39 -16.89 -3.32 37.41
CA ALA C 39 -18.11 -4.02 37.77
C ALA C 39 -18.96 -4.29 36.54
N TYR C 40 -19.08 -3.31 35.65
CA TYR C 40 -19.83 -3.54 34.41
C TYR C 40 -19.18 -4.65 33.58
N CYS C 41 -17.85 -4.65 33.50
CA CYS C 41 -17.18 -5.70 32.74
C CYS C 41 -17.43 -7.08 33.34
N GLU C 42 -17.44 -7.19 34.66
CA GLU C 42 -17.62 -8.51 35.27
C GLU C 42 -19.08 -8.90 35.43
N ALA C 43 -20.02 -8.00 35.15
CA ALA C 43 -21.44 -8.35 35.18
C ALA C 43 -21.98 -8.79 33.83
N HIS C 44 -21.16 -8.78 32.78
CA HIS C 44 -21.61 -9.17 31.45
C HIS C 44 -20.71 -10.22 30.81
N ALA C 45 -19.88 -10.89 31.61
CA ALA C 45 -18.99 -11.91 31.06
C ALA C 45 -19.74 -13.16 30.62
N LYS C 46 -20.99 -13.33 31.06
CA LYS C 46 -21.78 -14.50 30.69
C LYS C 46 -22.46 -14.36 29.34
N GLU C 47 -22.29 -13.22 28.66
CA GLU C 47 -22.90 -13.02 27.35
C GLU C 47 -21.90 -12.40 26.37
N ASP C 48 -20.62 -12.70 26.53
CA ASP C 48 -19.59 -12.24 25.59
C ASP C 48 -19.05 -13.46 24.83
N PRO C 49 -19.47 -13.69 23.59
CA PRO C 49 -19.05 -14.89 22.86
C PRO C 49 -17.57 -14.90 22.48
N LEU C 50 -16.81 -13.84 22.78
CA LEU C 50 -15.38 -13.82 22.51
C LEU C 50 -14.56 -14.08 23.77
N LEU C 51 -14.91 -13.42 24.87
CA LEU C 51 -14.31 -13.70 26.17
C LEU C 51 -14.59 -15.14 26.59
N THR C 52 -15.86 -15.46 26.83
CA THR C 52 -16.28 -16.82 27.10
C THR C 52 -16.68 -17.52 25.81
N PRO C 53 -16.27 -18.78 25.62
CA PRO C 53 -16.59 -19.47 24.37
C PRO C 53 -18.08 -19.73 24.21
N VAL C 54 -18.47 -20.24 23.05
CA VAL C 54 -19.86 -20.57 22.77
C VAL C 54 -19.90 -22.00 22.22
N PRO C 55 -20.92 -22.79 22.54
CA PRO C 55 -21.01 -24.13 21.95
C PRO C 55 -21.08 -24.06 20.43
N ALA C 56 -20.43 -25.03 19.78
CA ALA C 56 -20.29 -25.02 18.33
C ALA C 56 -21.62 -25.06 17.60
N SER C 57 -22.66 -25.61 18.22
CA SER C 57 -23.98 -25.62 17.58
C SER C 57 -24.52 -24.21 17.42
N GLU C 58 -24.35 -23.35 18.43
CA GLU C 58 -24.89 -22.00 18.38
C GLU C 58 -24.15 -21.13 17.38
N ASN C 59 -22.84 -21.37 17.19
CA ASN C 59 -22.02 -20.53 16.33
C ASN C 59 -22.52 -20.60 14.89
N PRO C 60 -22.85 -19.47 14.27
CA PRO C 60 -23.37 -19.49 12.89
C PRO C 60 -22.29 -19.49 11.81
N PHE C 61 -21.02 -19.30 12.16
CA PHE C 61 -19.97 -19.10 11.18
C PHE C 61 -19.17 -20.36 10.90
N ARG C 62 -18.83 -21.14 11.92
CA ARG C 62 -17.97 -22.31 11.78
C ARG C 62 -18.74 -23.58 11.42
N GLU C 63 -19.92 -23.45 10.84
CA GLU C 63 -20.69 -24.64 10.48
C GLU C 63 -20.03 -25.43 9.36
N LYS C 64 -19.50 -24.74 8.36
CA LYS C 64 -18.89 -25.43 7.21
C LYS C 64 -17.94 -24.45 6.51
N LYS C 65 -17.28 -24.97 5.48
CA LYS C 65 -16.34 -24.19 4.67
C LYS C 65 -16.99 -22.92 4.12
N GLN D 1 -0.41 17.28 26.97
CA GLN D 1 -0.54 18.21 25.86
C GLN D 1 0.84 18.50 25.24
N VAL D 2 0.90 18.50 23.91
CA VAL D 2 2.14 18.77 23.20
C VAL D 2 2.36 20.28 23.19
N GLN D 3 3.40 20.74 23.87
CA GLN D 3 3.67 22.16 23.94
C GLN D 3 5.13 22.45 23.63
N LEU D 4 5.35 23.60 23.00
CA LEU D 4 6.68 24.06 22.58
C LEU D 4 6.76 25.55 22.89
N GLN D 5 7.82 25.97 23.57
CA GLN D 5 8.02 27.37 23.90
C GLN D 5 9.35 27.86 23.35
N GLU D 6 9.29 28.90 22.52
CA GLU D 6 10.49 29.53 21.98
C GLU D 6 10.89 30.71 22.85
N SER D 7 12.19 30.84 23.09
CA SER D 7 12.74 31.92 23.91
C SER D 7 13.99 32.46 23.23
N GLY D 8 14.35 33.68 23.60
CA GLY D 8 15.42 34.40 22.94
C GLY D 8 14.88 35.32 21.87
N GLY D 9 15.81 35.91 21.13
CA GLY D 9 15.47 36.81 20.05
C GLY D 9 15.19 38.22 20.53
N GLY D 10 15.02 39.12 19.57
CA GLY D 10 14.78 40.51 19.86
C GLY D 10 15.41 41.44 18.86
N LEU D 11 15.84 42.61 19.34
CA LEU D 11 16.47 43.63 18.51
C LEU D 11 17.99 43.50 18.59
N VAL D 12 18.64 43.49 17.44
CA VAL D 12 20.10 43.38 17.39
C VAL D 12 20.60 44.17 16.19
N GLN D 13 21.78 44.75 16.35
CA GLN D 13 22.42 45.46 15.24
C GLN D 13 22.90 44.46 14.19
N PRO D 14 22.94 44.88 12.93
CA PRO D 14 23.48 43.99 11.88
C PRO D 14 24.90 43.57 12.21
N GLY D 15 25.20 42.29 11.95
CA GLY D 15 26.44 41.69 12.39
C GLY D 15 26.40 41.10 13.78
N GLY D 16 25.28 41.25 14.49
CA GLY D 16 25.14 40.66 15.81
C GLY D 16 24.79 39.20 15.75
N SER D 17 24.63 38.60 16.94
CA SER D 17 24.39 37.17 17.06
C SER D 17 23.27 36.92 18.06
N LEU D 18 22.48 35.87 17.78
CA LEU D 18 21.40 35.44 18.66
C LEU D 18 21.50 33.94 18.89
N ARG D 19 20.86 33.49 19.97
CA ARG D 19 20.75 32.07 20.30
C ARG D 19 19.31 31.80 20.69
N LEU D 20 18.51 31.34 19.73
CA LEU D 20 17.13 30.98 20.01
C LEU D 20 17.08 29.61 20.65
N SER D 21 16.13 29.43 21.58
CA SER D 21 15.96 28.18 22.29
C SER D 21 14.50 27.74 22.17
N CYS D 22 14.28 26.43 22.22
CA CYS D 22 12.95 25.86 22.13
C CYS D 22 12.86 24.74 23.15
N ALA D 23 11.96 24.90 24.12
CA ALA D 23 11.73 23.90 25.15
C ALA D 23 10.45 23.14 24.82
N ALA D 24 10.55 21.82 24.76
CA ALA D 24 9.45 20.96 24.37
C ALA D 24 9.01 20.13 25.55
N SER D 25 7.69 19.92 25.67
CA SER D 25 7.19 18.99 26.67
C SER D 25 5.88 18.39 26.19
N GLY D 26 5.57 17.21 26.72
CA GLY D 26 4.39 16.47 26.34
C GLY D 26 4.63 15.30 25.41
N PHE D 27 5.87 15.07 24.98
CA PHE D 27 6.17 13.96 24.09
C PHE D 27 7.61 13.53 24.29
N THR D 28 7.92 12.32 23.83
CA THR D 28 9.29 11.78 23.89
C THR D 28 10.13 12.47 22.84
N PHE D 29 10.96 13.42 23.27
CA PHE D 29 11.68 14.29 22.35
C PHE D 29 12.70 13.54 21.50
N SER D 30 13.20 12.40 21.96
CA SER D 30 14.21 11.66 21.22
C SER D 30 13.65 10.85 20.06
N ASN D 31 12.33 10.76 19.93
CA ASN D 31 11.72 10.01 18.85
C ASN D 31 11.39 10.86 17.63
N TYR D 32 11.58 12.17 17.70
CA TYR D 32 11.07 13.07 16.68
C TYR D 32 12.19 13.89 16.05
N LYS D 33 11.97 14.28 14.79
CA LYS D 33 12.87 15.14 14.05
C LYS D 33 12.34 16.57 14.09
N MET D 34 13.22 17.52 14.41
CA MET D 34 12.78 18.87 14.71
C MET D 34 13.15 19.83 13.58
N ASN D 35 12.42 20.94 13.51
CA ASN D 35 12.62 21.94 12.47
C ASN D 35 12.58 23.34 13.08
N TRP D 36 13.28 24.27 12.43
CA TRP D 36 13.10 25.70 12.65
C TRP D 36 12.51 26.28 11.37
N VAL D 37 11.40 27.00 11.52
CA VAL D 37 10.70 27.65 10.42
C VAL D 37 10.66 29.14 10.73
N ARG D 38 10.45 29.96 9.70
CA ARG D 38 10.40 31.39 9.93
C ARG D 38 9.41 32.04 8.99
N GLN D 39 8.85 33.17 9.42
CA GLN D 39 7.89 33.93 8.64
C GLN D 39 8.28 35.39 8.68
N ALA D 40 8.60 35.95 7.51
CA ALA D 40 8.87 37.37 7.40
C ALA D 40 7.55 38.14 7.30
N PRO D 41 7.55 39.42 7.68
CA PRO D 41 6.30 40.20 7.61
C PRO D 41 5.75 40.26 6.19
N GLY D 42 4.43 40.11 6.08
CA GLY D 42 3.76 40.16 4.80
C GLY D 42 4.18 39.07 3.83
N LYS D 43 4.47 37.88 4.34
CA LYS D 43 4.94 36.78 3.52
C LYS D 43 4.49 35.46 4.13
N GLY D 44 4.80 34.37 3.45
CA GLY D 44 4.43 33.06 3.93
C GLY D 44 5.50 32.40 4.78
N LEU D 45 5.11 31.32 5.44
CA LEU D 45 6.06 30.56 6.24
C LEU D 45 7.10 29.90 5.34
N GLU D 46 8.34 29.90 5.79
CA GLU D 46 9.47 29.42 5.00
C GLU D 46 10.33 28.51 5.85
N TRP D 47 10.55 27.28 5.37
CA TRP D 47 11.41 26.35 6.08
C TRP D 47 12.82 26.92 6.17
N VAL D 48 13.47 26.71 7.32
CA VAL D 48 14.78 27.26 7.59
C VAL D 48 15.82 26.18 7.86
N SER D 49 15.54 25.28 8.80
CA SER D 49 16.52 24.26 9.14
C SER D 49 15.82 23.07 9.78
N ASP D 50 16.53 21.96 9.86
CA ASP D 50 16.00 20.79 10.56
C ASP D 50 17.14 19.93 11.08
N ILE D 51 16.79 19.05 12.01
CA ILE D 51 17.74 18.11 12.60
C ILE D 51 17.03 16.80 12.86
N SER D 52 17.76 15.70 12.71
CA SER D 52 17.20 14.36 12.78
C SER D 52 17.12 13.87 14.22
N GLN D 53 16.71 12.62 14.40
CA GLN D 53 16.44 12.09 15.73
C GLN D 53 17.69 12.07 16.60
N SER D 54 18.81 11.57 16.05
CA SER D 54 20.04 11.45 16.82
C SER D 54 20.94 12.67 16.70
N GLY D 55 20.60 13.63 15.85
CA GLY D 55 21.44 14.79 15.64
C GLY D 55 22.50 14.62 14.58
N ALA D 56 22.58 13.44 13.95
CA ALA D 56 23.62 13.21 12.95
C ALA D 56 23.32 13.93 11.65
N SER D 57 22.06 13.93 11.22
CA SER D 57 21.68 14.46 9.92
C SER D 57 21.13 15.88 10.09
N ILE D 58 21.78 16.85 9.47
CA ILE D 58 21.46 18.26 9.62
C ILE D 58 21.40 18.90 8.25
N SER D 59 20.50 19.87 8.11
CA SER D 59 20.24 20.49 6.83
C SER D 59 19.86 21.95 6.99
N TYR D 60 20.13 22.81 6.01
CA TYR D 60 19.78 24.21 6.07
C TYR D 60 19.26 24.65 4.71
N THR D 61 18.72 25.86 4.66
CA THR D 61 18.42 26.50 3.39
C THR D 61 19.68 27.13 2.81
N GLY D 62 19.63 27.43 1.52
CA GLY D 62 20.79 28.00 0.85
C GLY D 62 21.18 29.35 1.40
N SER D 63 20.19 30.15 1.80
CA SER D 63 20.44 31.51 2.24
C SER D 63 21.02 31.61 3.65
N VAL D 64 21.02 30.51 4.42
CA VAL D 64 21.48 30.55 5.79
C VAL D 64 22.69 29.65 6.03
N LYS D 65 23.22 29.03 4.98
CA LYS D 65 24.37 28.15 5.15
C LYS D 65 25.59 28.95 5.59
N GLY D 66 26.33 28.41 6.55
CA GLY D 66 27.53 29.04 7.04
C GLY D 66 27.32 30.07 8.13
N ARG D 67 26.07 30.38 8.47
CA ARG D 67 25.77 31.35 9.52
C ARG D 67 24.92 30.78 10.63
N PHE D 68 23.97 29.90 10.31
CA PHE D 68 23.07 29.32 11.29
C PHE D 68 23.52 27.91 11.63
N THR D 69 23.44 27.57 12.91
CA THR D 69 23.81 26.23 13.40
C THR D 69 22.69 25.71 14.28
N ILE D 70 22.16 24.54 13.95
CA ILE D 70 21.09 23.92 14.74
C ILE D 70 21.71 22.88 15.66
N SER D 71 21.14 22.75 16.86
CA SER D 71 21.61 21.77 17.82
C SER D 71 20.42 21.28 18.62
N ARG D 72 20.58 20.12 19.26
CA ARG D 72 19.51 19.60 20.09
C ARG D 72 20.10 18.80 21.24
N ASP D 73 19.40 18.81 22.36
CA ASP D 73 19.74 18.03 23.54
C ASP D 73 18.54 17.20 23.94
N ASN D 74 18.73 15.88 24.00
CA ASN D 74 17.63 14.98 24.31
C ASN D 74 17.40 14.87 25.80
N ALA D 75 18.48 14.89 26.60
CA ALA D 75 18.33 14.78 28.04
C ALA D 75 17.70 16.02 28.65
N LYS D 76 17.77 17.17 27.98
CA LYS D 76 17.11 18.39 28.42
C LYS D 76 15.93 18.77 27.56
N ASN D 77 15.58 17.97 26.55
CA ASN D 77 14.38 18.17 25.74
C ASN D 77 14.38 19.54 25.07
N THR D 78 15.52 19.94 24.51
CA THR D 78 15.70 21.31 24.05
C THR D 78 16.28 21.36 22.64
N LEU D 79 15.91 22.39 21.89
CA LEU D 79 16.41 22.61 20.54
C LEU D 79 16.95 24.03 20.44
N TYR D 80 18.22 24.16 20.06
CA TYR D 80 18.87 25.47 19.97
C TYR D 80 19.17 25.82 18.52
N LEU D 81 19.14 27.13 18.24
CA LEU D 81 19.56 27.66 16.95
C LEU D 81 20.48 28.85 17.18
N GLN D 82 21.70 28.76 16.69
CA GLN D 82 22.70 29.81 16.80
C GLN D 82 22.73 30.59 15.49
N MET D 83 22.44 31.89 15.56
CA MET D 83 22.47 32.78 14.40
C MET D 83 23.67 33.71 14.58
N ASN D 84 24.67 33.56 13.69
CA ASN D 84 25.97 34.19 13.87
C ASN D 84 26.07 35.53 13.16
N SER D 85 25.83 35.56 11.86
CA SER D 85 25.88 36.78 11.06
C SER D 85 24.47 37.10 10.59
N LEU D 86 23.99 38.30 10.91
CA LEU D 86 22.61 38.67 10.65
C LEU D 86 22.53 39.83 9.67
N LYS D 87 21.42 39.87 8.93
CA LYS D 87 21.22 40.79 7.83
C LYS D 87 19.84 41.41 7.95
N PRO D 88 19.58 42.51 7.25
CA PRO D 88 18.24 43.10 7.28
C PRO D 88 17.14 42.13 6.87
N GLU D 89 17.41 41.21 5.95
CA GLU D 89 16.40 40.28 5.49
C GLU D 89 16.19 39.08 6.41
N ASP D 90 16.72 39.13 7.63
CA ASP D 90 16.46 38.09 8.62
C ASP D 90 15.38 38.48 9.63
N THR D 91 14.76 39.64 9.47
CA THR D 91 13.69 40.08 10.36
C THR D 91 12.46 39.20 10.15
N ALA D 92 12.10 38.41 11.16
CA ALA D 92 11.01 37.46 11.00
C ALA D 92 10.64 36.89 12.37
N VAL D 93 9.51 36.20 12.40
CA VAL D 93 9.12 35.40 13.56
C VAL D 93 9.57 33.97 13.32
N TYR D 94 10.30 33.42 14.29
CA TYR D 94 10.88 32.08 14.19
C TYR D 94 10.08 31.12 15.06
N TYR D 95 9.72 29.98 14.46
CA TYR D 95 8.92 28.95 15.08
C TYR D 95 9.70 27.65 15.17
N CYS D 96 9.37 26.86 16.18
CA CYS D 96 10.00 25.57 16.45
C CYS D 96 8.99 24.48 16.13
N ALA D 97 9.15 23.83 14.99
CA ALA D 97 8.18 22.86 14.52
C ALA D 97 8.66 21.44 14.77
N ARG D 98 7.71 20.52 14.89
CA ARG D 98 7.98 19.12 15.14
C ARG D 98 7.35 18.28 14.03
N CYS D 99 7.98 17.15 13.72
CA CYS D 99 7.44 16.25 12.71
C CYS D 99 6.14 15.61 13.21
N PRO D 100 5.19 15.38 12.31
CA PRO D 100 3.89 14.84 12.75
C PRO D 100 3.98 13.48 13.42
N ALA D 101 4.85 12.60 12.96
CA ALA D 101 4.88 11.22 13.44
C ALA D 101 6.30 10.81 13.81
N PRO D 102 6.44 9.91 14.77
CA PRO D 102 7.77 9.44 15.16
C PRO D 102 8.30 8.36 14.23
N PHE D 103 9.63 8.23 14.25
CA PHE D 103 10.39 7.20 13.53
C PHE D 103 10.31 7.31 12.02
N THR D 104 9.73 8.38 11.48
CA THR D 104 9.63 8.56 10.05
C THR D 104 10.67 9.56 9.56
N ARG D 105 11.17 9.32 8.36
CA ARG D 105 12.16 10.20 7.76
C ARG D 105 11.54 11.27 6.87
N ASP D 106 10.23 11.26 6.67
CA ASP D 106 9.53 12.29 5.93
C ASP D 106 8.87 13.28 6.90
N CYS D 107 8.59 14.48 6.39
CA CYS D 107 8.10 15.57 7.22
C CYS D 107 7.24 16.47 6.33
N PHE D 108 5.92 16.31 6.43
CA PHE D 108 5.02 16.86 5.42
C PHE D 108 4.69 18.34 5.63
N ASP D 109 4.02 18.68 6.73
CA ASP D 109 3.27 19.93 6.77
C ASP D 109 3.73 20.88 7.86
N VAL D 110 5.04 20.94 8.14
CA VAL D 110 5.50 21.86 9.17
C VAL D 110 5.46 23.32 8.71
N THR D 111 5.27 23.57 7.42
CA THR D 111 5.28 24.92 6.88
C THR D 111 3.89 25.45 6.60
N SER D 112 2.88 24.58 6.51
CA SER D 112 1.52 25.04 6.27
C SER D 112 1.01 25.85 7.45
N THR D 113 0.18 26.84 7.15
CA THR D 113 -0.47 27.61 8.20
C THR D 113 -1.49 26.75 8.95
N THR D 114 -1.69 27.06 10.22
CA THR D 114 -2.54 26.27 11.11
C THR D 114 -2.04 24.83 11.19
N TYR D 115 -0.81 24.68 11.71
CA TYR D 115 -0.20 23.38 11.97
C TYR D 115 -0.14 23.16 13.48
N ALA D 116 -0.61 22.00 13.92
CA ALA D 116 -0.85 21.78 15.33
C ALA D 116 0.45 21.73 16.14
N TYR D 117 1.46 21.04 15.64
CA TYR D 117 2.67 20.78 16.40
C TYR D 117 3.74 21.83 16.16
N ARG D 118 3.37 23.09 16.32
CA ARG D 118 4.28 24.22 16.18
C ARG D 118 4.20 25.08 17.43
N GLY D 119 5.26 25.84 17.67
CA GLY D 119 5.32 26.72 18.82
C GLY D 119 4.65 28.06 18.57
N GLN D 120 4.71 28.92 19.59
CA GLN D 120 4.13 30.25 19.49
C GLN D 120 4.95 31.15 18.58
N GLY D 121 6.28 31.09 18.69
CA GLY D 121 7.15 31.88 17.84
C GLY D 121 7.74 33.08 18.54
N THR D 122 9.02 33.37 18.25
CA THR D 122 9.71 34.51 18.83
C THR D 122 10.14 35.46 17.72
N GLN D 123 10.04 36.76 17.99
CA GLN D 123 10.32 37.77 16.99
C GLN D 123 11.81 38.15 17.02
N VAL D 124 12.43 38.15 15.84
CA VAL D 124 13.81 38.61 15.67
C VAL D 124 13.78 39.75 14.68
N THR D 125 14.36 40.89 15.06
CA THR D 125 14.38 42.07 14.21
C THR D 125 15.78 42.65 14.17
N VAL D 126 16.25 42.97 12.96
CA VAL D 126 17.54 43.60 12.73
C VAL D 126 17.27 44.88 11.96
N SER D 127 17.52 46.02 12.59
CA SER D 127 17.05 47.29 12.08
C SER D 127 18.15 48.26 11.68
N SER D 128 19.09 48.54 12.58
CA SER D 128 20.07 49.58 12.34
C SER D 128 21.16 49.12 11.39
N PHE E 5 23.28 -52.83 -12.50
CA PHE E 5 21.89 -52.70 -12.07
C PHE E 5 21.62 -51.32 -11.51
N SER E 6 22.56 -50.39 -11.72
CA SER E 6 22.39 -49.03 -11.24
C SER E 6 21.21 -48.33 -11.90
N PHE E 7 20.78 -48.79 -13.07
CA PHE E 7 19.68 -48.15 -13.79
C PHE E 7 18.33 -48.33 -13.10
N GLY E 8 18.23 -49.19 -12.10
CA GLY E 8 17.02 -49.27 -11.31
C GLY E 8 17.05 -48.28 -10.17
N VAL E 9 18.16 -48.26 -9.43
CA VAL E 9 18.25 -47.42 -8.24
C VAL E 9 18.30 -45.95 -8.62
N ILE E 10 19.03 -45.59 -9.68
CA ILE E 10 19.11 -44.19 -10.07
C ILE E 10 17.77 -43.72 -10.60
N LEU E 11 17.06 -44.57 -11.34
CA LEU E 11 15.73 -44.20 -11.82
C LEU E 11 14.76 -44.01 -10.66
N ALA E 12 14.80 -44.90 -9.67
CA ALA E 12 13.92 -44.76 -8.51
C ALA E 12 14.21 -43.47 -7.76
N VAL E 13 15.50 -43.19 -7.52
CA VAL E 13 15.87 -41.96 -6.82
C VAL E 13 15.40 -40.74 -7.59
N LEU E 14 15.63 -40.73 -8.91
CA LEU E 14 15.26 -39.57 -9.70
C LEU E 14 13.75 -39.36 -9.72
N ALA E 15 12.97 -40.43 -9.88
CA ALA E 15 11.52 -40.28 -9.90
C ALA E 15 11.00 -39.78 -8.56
N SER E 16 11.48 -40.36 -7.46
CA SER E 16 11.03 -39.92 -6.15
C SER E 16 11.40 -38.46 -5.90
N LEU E 17 12.63 -38.07 -6.25
CA LEU E 17 13.05 -36.70 -6.02
C LEU E 17 12.26 -35.72 -6.88
N ILE E 18 11.96 -36.09 -8.13
CA ILE E 18 11.18 -35.22 -9.01
C ILE E 18 9.78 -35.00 -8.43
N ILE E 19 9.14 -36.08 -8.01
CA ILE E 19 7.79 -35.95 -7.46
C ILE E 19 7.81 -35.12 -6.20
N ALA E 20 8.79 -35.37 -5.32
CA ALA E 20 8.86 -34.63 -4.06
C ALA E 20 9.11 -33.15 -4.29
N THR E 21 9.96 -32.81 -5.26
CA THR E 21 10.27 -31.41 -5.49
C THR E 21 9.23 -30.69 -6.34
N ASN E 22 8.33 -31.42 -7.00
CA ASN E 22 7.33 -30.75 -7.82
C ASN E 22 5.95 -30.68 -7.18
N THR E 23 5.55 -31.67 -6.37
CA THR E 23 4.27 -31.56 -5.68
C THR E 23 4.26 -30.39 -4.71
N LEU E 24 5.39 -30.15 -4.02
CA LEU E 24 5.50 -28.99 -3.13
C LEU E 24 5.32 -27.69 -3.90
N VAL E 25 5.97 -27.56 -5.05
CA VAL E 25 5.86 -26.34 -5.85
C VAL E 25 4.43 -26.16 -6.34
N ALA E 26 3.79 -27.26 -6.77
CA ALA E 26 2.40 -27.16 -7.22
C ALA E 26 1.48 -26.70 -6.09
N VAL E 27 1.69 -27.22 -4.88
CA VAL E 27 0.89 -26.80 -3.74
C VAL E 27 1.13 -25.32 -3.43
N ALA E 28 2.39 -24.87 -3.52
CA ALA E 28 2.69 -23.46 -3.31
C ALA E 28 1.97 -22.58 -4.31
N VAL E 29 1.99 -22.97 -5.58
CA VAL E 29 1.35 -22.14 -6.60
C VAL E 29 -0.16 -22.14 -6.42
N LEU E 30 -0.74 -23.28 -6.02
CA LEU E 30 -2.17 -23.30 -5.70
C LEU E 30 -2.50 -22.37 -4.55
N LEU E 31 -1.68 -22.37 -3.50
CA LEU E 31 -1.92 -21.46 -2.38
C LEU E 31 -1.79 -20.00 -2.80
N LEU E 32 -0.94 -19.71 -3.78
CA LEU E 32 -0.81 -18.33 -4.25
C LEU E 32 -1.89 -17.91 -5.24
N ILE E 33 -2.54 -18.85 -5.93
CA ILE E 33 -3.55 -18.46 -6.91
C ILE E 33 -4.70 -17.73 -6.22
N HIS E 34 -5.19 -18.26 -5.11
CA HIS E 34 -6.29 -17.61 -4.41
C HIS E 34 -5.89 -16.23 -3.90
N LYS E 35 -4.66 -16.10 -3.41
CA LYS E 35 -4.21 -14.85 -2.82
C LYS E 35 -3.97 -13.78 -3.87
N ASN E 36 -3.43 -14.16 -5.02
CA ASN E 36 -3.02 -13.23 -6.07
C ASN E 36 -3.92 -13.35 -7.29
N ASP E 37 -3.62 -12.55 -8.31
CA ASP E 37 -4.22 -12.66 -9.64
C ASP E 37 -3.07 -12.63 -10.63
N GLY E 38 -2.46 -13.79 -10.88
CA GLY E 38 -1.32 -13.87 -11.77
C GLY E 38 -1.50 -14.91 -12.85
N VAL E 39 -1.55 -14.46 -14.11
CA VAL E 39 -1.72 -15.39 -15.22
C VAL E 39 -0.47 -16.25 -15.39
N SER E 40 0.72 -15.67 -15.19
CA SER E 40 1.95 -16.44 -15.26
C SER E 40 2.03 -17.52 -14.18
N LEU E 41 1.31 -17.33 -13.07
CA LEU E 41 1.27 -18.39 -12.06
C LEU E 41 0.54 -19.62 -12.56
N CYS E 42 -0.43 -19.44 -13.47
CA CYS E 42 -1.05 -20.59 -14.09
C CYS E 42 -0.04 -21.40 -14.91
N PHE E 43 0.83 -20.71 -15.65
CA PHE E 43 1.86 -21.40 -16.42
C PHE E 43 2.86 -22.09 -15.51
N THR E 44 3.22 -21.45 -14.39
CA THR E 44 4.10 -22.11 -13.43
C THR E 44 3.46 -23.37 -12.86
N LEU E 45 2.17 -23.31 -12.55
CA LEU E 45 1.46 -24.48 -12.06
C LEU E 45 1.42 -25.57 -13.11
N ASN E 46 1.21 -25.20 -14.38
CA ASN E 46 1.20 -26.19 -15.45
C ASN E 46 2.56 -26.86 -15.59
N LEU E 47 3.65 -26.09 -15.46
CA LEU E 47 4.97 -26.68 -15.51
C LEU E 47 5.18 -27.69 -14.39
N ALA E 48 4.75 -27.33 -13.17
CA ALA E 48 4.89 -28.26 -12.04
C ALA E 48 4.08 -29.53 -12.26
N VAL E 49 2.86 -29.39 -12.80
CA VAL E 49 2.02 -30.54 -13.09
C VAL E 49 2.67 -31.45 -14.13
N ALA E 50 3.25 -30.85 -15.18
CA ALA E 50 3.91 -31.63 -16.21
C ALA E 50 5.09 -32.41 -15.65
N ASP E 51 5.87 -31.78 -14.76
CA ASP E 51 6.97 -32.50 -14.14
C ASP E 51 6.47 -33.64 -13.25
N THR E 52 5.37 -33.42 -12.53
CA THR E 52 4.80 -34.49 -11.72
C THR E 52 4.36 -35.67 -12.58
N LEU E 53 3.76 -35.37 -13.74
CA LEU E 53 3.38 -36.46 -14.64
C LEU E 53 4.59 -37.16 -15.22
N ILE E 54 5.69 -36.44 -15.45
CA ILE E 54 6.94 -37.08 -15.84
C ILE E 54 7.36 -38.08 -14.77
N GLY E 55 7.29 -37.65 -13.51
CA GLY E 55 7.65 -38.57 -12.43
C GLY E 55 6.77 -39.80 -12.38
N VAL E 56 5.46 -39.61 -12.58
CA VAL E 56 4.54 -40.75 -12.60
C VAL E 56 4.87 -41.71 -13.74
N ALA E 57 5.15 -41.17 -14.93
CA ALA E 57 5.47 -42.02 -16.07
C ALA E 57 6.77 -42.80 -15.83
N ILE E 58 7.77 -42.14 -15.25
CA ILE E 58 9.04 -42.82 -14.97
C ILE E 58 8.82 -43.92 -13.94
N SER E 59 8.02 -43.66 -12.92
CA SER E 59 7.70 -44.69 -11.95
C SER E 59 6.98 -45.87 -12.60
N GLY E 60 6.12 -45.59 -13.57
CA GLY E 60 5.48 -46.66 -14.32
C GLY E 60 6.48 -47.48 -15.11
N LEU E 61 7.47 -46.81 -15.72
CA LEU E 61 8.51 -47.53 -16.45
C LEU E 61 9.41 -48.35 -15.54
N LEU E 62 9.51 -47.95 -14.27
CA LEU E 62 10.50 -48.52 -13.36
C LEU E 62 10.39 -50.02 -13.19
N THR E 63 9.20 -50.60 -13.37
CA THR E 63 9.00 -52.01 -13.06
C THR E 63 9.91 -52.90 -13.92
N ASP E 64 9.92 -52.67 -15.23
CA ASP E 64 10.74 -53.50 -16.12
C ASP E 64 12.23 -53.29 -15.86
N GLN E 65 12.65 -52.04 -15.66
CA GLN E 65 14.06 -51.78 -15.38
C GLN E 65 14.52 -52.44 -14.10
N LEU E 66 13.67 -52.43 -13.07
CA LEU E 66 13.98 -53.11 -11.83
C LEU E 66 14.03 -54.62 -12.06
N SER E 67 14.79 -55.30 -11.20
CA SER E 67 15.14 -56.71 -11.42
C SER E 67 13.88 -57.57 -11.36
N SER E 68 13.42 -58.02 -12.54
CA SER E 68 12.26 -58.89 -12.64
C SER E 68 12.38 -59.78 -13.87
N PRO E 69 12.78 -61.05 -13.71
CA PRO E 69 12.78 -61.97 -14.85
C PRO E 69 11.36 -62.30 -15.26
N SER E 70 10.93 -61.79 -16.42
CA SER E 70 9.53 -61.88 -16.80
C SER E 70 9.39 -62.13 -18.30
N ARG E 71 8.23 -62.68 -18.66
CA ARG E 71 7.84 -62.86 -20.05
C ARG E 71 7.69 -61.49 -20.71
N PRO E 72 8.02 -61.37 -22.00
CA PRO E 72 7.84 -60.08 -22.69
C PRO E 72 6.39 -59.62 -22.65
N THR E 73 6.21 -58.31 -22.53
CA THR E 73 4.90 -57.78 -22.15
C THR E 73 3.90 -57.80 -23.31
N GLN E 74 4.13 -56.99 -24.33
CA GLN E 74 3.20 -56.86 -25.45
C GLN E 74 3.76 -55.83 -26.43
N LYS E 75 3.27 -55.89 -27.66
CA LYS E 75 3.50 -54.79 -28.60
C LYS E 75 2.78 -53.53 -28.16
N THR E 76 1.51 -53.66 -27.73
CA THR E 76 0.68 -52.49 -27.47
C THR E 76 1.08 -51.79 -26.17
N LEU E 77 1.33 -52.56 -25.12
CA LEU E 77 1.61 -51.94 -23.81
C LEU E 77 2.88 -51.10 -23.85
N CYS E 78 3.93 -51.61 -24.49
CA CYS E 78 5.17 -50.85 -24.58
C CYS E 78 4.96 -49.57 -25.38
N SER E 79 4.20 -49.64 -26.46
CA SER E 79 3.89 -48.45 -27.24
C SER E 79 3.14 -47.42 -26.40
N LEU E 80 2.16 -47.87 -25.62
CA LEU E 80 1.40 -46.94 -24.79
C LEU E 80 2.29 -46.28 -23.75
N ARG E 81 3.18 -47.05 -23.11
CA ARG E 81 4.06 -46.45 -22.10
C ARG E 81 5.01 -45.44 -22.73
N MET E 82 5.60 -45.79 -23.89
CA MET E 82 6.49 -44.85 -24.57
C MET E 82 5.76 -43.58 -24.96
N ALA E 83 4.53 -43.72 -25.49
CA ALA E 83 3.75 -42.56 -25.89
C ALA E 83 3.43 -41.68 -24.70
N PHE E 84 3.10 -42.30 -23.56
CA PHE E 84 2.81 -41.52 -22.36
C PHE E 84 4.02 -40.70 -21.92
N VAL E 85 5.21 -41.33 -21.91
CA VAL E 85 6.42 -40.62 -21.52
C VAL E 85 6.71 -39.47 -22.48
N THR E 86 6.59 -39.73 -23.79
CA THR E 86 6.89 -38.71 -24.79
C THR E 86 5.93 -37.54 -24.68
N SER E 87 4.64 -37.81 -24.50
CA SER E 87 3.68 -36.72 -24.34
C SER E 87 3.96 -35.90 -23.09
N SER E 88 4.32 -36.56 -22.00
CA SER E 88 4.62 -35.82 -20.77
C SER E 88 5.80 -34.88 -20.97
N ALA E 89 6.88 -35.38 -21.58
CA ALA E 89 8.06 -34.53 -21.76
C ALA E 89 7.81 -33.42 -22.77
N ALA E 90 7.05 -33.70 -23.83
CA ALA E 90 6.71 -32.65 -24.79
C ALA E 90 5.90 -31.54 -24.13
N ALA E 91 4.95 -31.91 -23.27
CA ALA E 91 4.21 -30.88 -22.53
C ALA E 91 5.13 -30.08 -21.62
N SER E 92 6.06 -30.75 -20.94
CA SER E 92 6.97 -30.05 -20.04
C SER E 92 7.92 -29.12 -20.78
N VAL E 93 8.17 -29.34 -22.07
CA VAL E 93 8.98 -28.40 -22.85
C VAL E 93 8.13 -27.25 -23.41
N LEU E 94 6.95 -27.57 -23.94
CA LEU E 94 6.09 -26.53 -24.50
C LEU E 94 5.61 -25.56 -23.42
N THR E 95 5.51 -26.00 -22.17
CA THR E 95 5.17 -25.08 -21.09
C THR E 95 6.25 -24.03 -20.89
N VAL E 96 7.52 -24.44 -20.94
CA VAL E 96 8.62 -23.48 -20.82
C VAL E 96 8.58 -22.50 -21.99
N MET E 97 8.32 -23.00 -23.19
CA MET E 97 8.22 -22.11 -24.34
C MET E 97 7.09 -21.09 -24.15
N LEU E 98 5.93 -21.54 -23.64
CA LEU E 98 4.81 -20.62 -23.42
C LEU E 98 5.14 -19.58 -22.35
N ILE E 99 5.83 -19.98 -21.28
CA ILE E 99 6.23 -19.04 -20.25
C ILE E 99 7.12 -17.95 -20.84
N THR E 100 8.10 -18.36 -21.66
CA THR E 100 8.99 -17.39 -22.29
C THR E 100 8.22 -16.43 -23.18
N PHE E 101 7.29 -16.95 -23.97
CA PHE E 101 6.54 -16.10 -24.89
C PHE E 101 5.69 -15.10 -24.11
N ASP E 102 5.09 -15.55 -23.00
CA ASP E 102 4.32 -14.66 -22.14
C ASP E 102 5.17 -13.55 -21.56
N ARG E 103 6.37 -13.86 -21.10
CA ARG E 103 7.27 -12.82 -20.60
C ARG E 103 7.61 -11.82 -21.70
N TYR E 104 7.86 -12.32 -22.92
CA TYR E 104 8.22 -11.44 -24.02
C TYR E 104 7.10 -10.48 -24.37
N LEU E 105 5.85 -10.95 -24.37
CA LEU E 105 4.74 -10.01 -24.57
C LEU E 105 4.59 -9.04 -23.40
N ALA E 106 4.83 -9.52 -22.18
CA ALA E 106 4.72 -8.62 -21.03
C ALA E 106 5.69 -7.46 -21.13
N ILE E 107 6.89 -7.71 -21.62
CA ILE E 107 7.91 -6.66 -21.67
C ILE E 107 7.87 -5.86 -22.97
N LYS E 108 7.65 -6.52 -24.12
CA LYS E 108 7.80 -5.85 -25.40
C LYS E 108 6.65 -4.90 -25.70
N GLN E 109 5.42 -5.29 -25.37
CA GLN E 109 4.23 -4.48 -25.63
C GLN E 109 3.43 -4.33 -24.34
N PRO E 110 3.83 -3.41 -23.46
CA PRO E 110 3.28 -3.39 -22.10
C PRO E 110 1.82 -2.97 -22.01
N PHE E 111 1.29 -2.24 -22.99
CA PHE E 111 -0.06 -1.71 -22.88
C PHE E 111 -1.11 -2.66 -23.46
N ARG E 112 -0.97 -3.01 -24.74
CA ARG E 112 -1.92 -3.91 -25.35
C ARG E 112 -1.81 -5.33 -24.79
N TYR E 113 -0.76 -5.63 -24.04
CA TYR E 113 -0.74 -6.87 -23.27
C TYR E 113 -1.69 -6.79 -22.09
N LEU E 114 -1.65 -5.66 -21.36
CA LEU E 114 -2.61 -5.45 -20.28
C LEU E 114 -4.03 -5.40 -20.80
N LYS E 115 -4.22 -5.00 -22.06
CA LYS E 115 -5.57 -4.91 -22.61
C LYS E 115 -6.16 -6.28 -22.92
N ILE E 116 -5.35 -7.22 -23.43
CA ILE E 116 -5.91 -8.45 -23.96
C ILE E 116 -5.41 -9.68 -23.21
N MET E 117 -5.16 -9.56 -21.90
CA MET E 117 -4.69 -10.67 -21.10
C MET E 117 -5.69 -10.95 -20.00
N SER E 118 -6.11 -12.21 -19.87
CA SER E 118 -7.14 -12.59 -18.91
C SER E 118 -6.96 -14.06 -18.55
N GLY E 119 -7.98 -14.64 -17.92
CA GLY E 119 -7.95 -16.06 -17.63
C GLY E 119 -8.38 -16.92 -18.81
N PHE E 120 -9.20 -16.37 -19.71
CA PHE E 120 -9.64 -17.14 -20.87
C PHE E 120 -8.48 -17.46 -21.79
N VAL E 121 -7.59 -16.50 -22.03
CA VAL E 121 -6.45 -16.74 -22.90
C VAL E 121 -5.52 -17.79 -22.29
N ALA E 122 -5.33 -17.72 -20.97
CA ALA E 122 -4.50 -18.72 -20.30
C ALA E 122 -5.11 -20.11 -20.42
N GLY E 123 -6.43 -20.23 -20.21
CA GLY E 123 -7.08 -21.53 -20.34
C GLY E 123 -6.99 -22.08 -21.74
N ALA E 124 -7.23 -21.22 -22.74
CA ALA E 124 -7.15 -21.66 -24.13
C ALA E 124 -5.73 -22.10 -24.47
N CYS E 125 -4.72 -21.33 -24.04
CA CYS E 125 -3.33 -21.68 -24.34
C CYS E 125 -2.94 -23.00 -23.69
N ILE E 126 -3.32 -23.21 -22.43
CA ILE E 126 -2.94 -24.43 -21.74
C ILE E 126 -3.64 -25.64 -22.35
N ALA E 127 -4.94 -25.50 -22.67
CA ALA E 127 -5.63 -26.60 -23.32
C ALA E 127 -5.03 -26.92 -24.67
N GLY E 128 -4.66 -25.89 -25.43
CA GLY E 128 -4.02 -26.11 -26.72
C GLY E 128 -2.70 -26.85 -26.59
N LEU E 129 -1.87 -26.47 -25.60
CA LEU E 129 -0.58 -27.13 -25.48
C LEU E 129 -0.74 -28.58 -25.02
N TRP E 130 -1.70 -28.84 -24.12
CA TRP E 130 -1.92 -30.23 -23.71
C TRP E 130 -2.41 -31.08 -24.87
N LEU E 131 -3.33 -30.54 -25.67
CA LEU E 131 -3.80 -31.27 -26.85
C LEU E 131 -2.66 -31.54 -27.81
N VAL E 132 -1.82 -30.54 -28.06
CA VAL E 132 -0.70 -30.71 -28.99
C VAL E 132 0.29 -31.75 -28.45
N SER E 133 0.58 -31.70 -27.15
CA SER E 133 1.55 -32.63 -26.58
C SER E 133 1.06 -34.06 -26.67
N TYR E 134 -0.20 -34.30 -26.29
CA TYR E 134 -0.69 -35.67 -26.36
C TYR E 134 -1.02 -36.12 -27.77
N LEU E 135 -1.15 -35.18 -28.72
CA LEU E 135 -1.28 -35.56 -30.12
C LEU E 135 0.06 -35.96 -30.71
N ILE E 136 1.13 -35.27 -30.35
CA ILE E 136 2.43 -35.59 -30.94
C ILE E 136 3.08 -36.76 -30.25
N GLY E 137 2.78 -37.00 -28.97
CA GLY E 137 3.28 -38.18 -28.31
C GLY E 137 2.66 -39.46 -28.83
N PHE E 138 1.35 -39.43 -29.08
CA PHE E 138 0.61 -40.59 -29.56
C PHE E 138 0.54 -40.67 -31.07
N LEU E 139 1.19 -39.75 -31.78
CA LEU E 139 1.19 -39.78 -33.24
C LEU E 139 1.79 -41.04 -33.84
N PRO E 140 2.98 -41.50 -33.43
CA PRO E 140 3.60 -42.63 -34.16
C PRO E 140 2.83 -43.93 -34.10
N LEU E 141 1.94 -44.12 -33.12
CA LEU E 141 1.18 -45.37 -33.05
C LEU E 141 0.27 -45.52 -34.26
N GLY E 142 -0.36 -44.44 -34.70
CA GLY E 142 -1.27 -44.48 -35.83
C GLY E 142 -0.66 -44.12 -37.16
N ILE E 143 0.67 -44.02 -37.26
CA ILE E 143 1.33 -43.68 -38.51
C ILE E 143 2.47 -44.66 -38.76
N PRO E 144 2.66 -45.13 -40.00
CA PRO E 144 3.79 -46.02 -40.29
C PRO E 144 5.13 -45.30 -40.31
N MET E 145 6.17 -46.02 -40.71
CA MET E 145 7.56 -45.56 -40.81
C MET E 145 8.04 -44.85 -39.55
N PHE E 146 7.40 -45.14 -38.42
CA PHE E 146 7.86 -44.68 -37.11
C PHE E 146 8.06 -45.79 -36.10
N GLN E 147 7.65 -47.03 -36.40
CA GLN E 147 7.69 -48.12 -35.44
C GLN E 147 8.45 -49.31 -36.03
N GLN E 148 9.07 -50.08 -35.15
CA GLN E 148 9.89 -51.21 -35.54
C GLN E 148 9.03 -52.35 -36.07
N THR E 149 9.68 -53.31 -36.75
CA THR E 149 8.97 -54.36 -37.46
C THR E 149 8.47 -55.45 -36.52
N ALA E 150 9.38 -56.07 -35.78
CA ALA E 150 9.03 -57.22 -34.94
C ALA E 150 9.98 -57.27 -33.74
N TYR E 151 9.88 -58.33 -32.95
CA TYR E 151 10.67 -58.53 -31.74
C TYR E 151 10.56 -57.32 -30.82
N LYS E 152 9.32 -57.00 -30.45
CA LYS E 152 9.03 -55.81 -29.67
C LYS E 152 8.32 -56.13 -28.36
N GLY E 153 8.27 -57.41 -27.97
CA GLY E 153 7.66 -57.76 -26.70
C GLY E 153 8.43 -57.20 -25.51
N GLN E 154 9.76 -57.34 -25.52
CA GLN E 154 10.58 -56.77 -24.46
C GLN E 154 10.54 -55.25 -24.55
N CYS E 155 10.04 -54.60 -23.51
CA CYS E 155 9.75 -53.17 -23.58
C CYS E 155 11.04 -52.36 -23.50
N SER E 156 11.30 -51.58 -24.54
CA SER E 156 12.39 -50.62 -24.56
C SER E 156 12.16 -49.69 -25.75
N PHE E 157 12.43 -48.41 -25.54
CA PHE E 157 12.29 -47.44 -26.61
C PHE E 157 13.34 -47.73 -27.69
N PHE E 158 13.07 -47.26 -28.90
CA PHE E 158 13.90 -47.57 -30.07
C PHE E 158 13.86 -49.05 -30.42
N ALA E 159 13.03 -49.82 -29.72
CA ALA E 159 12.70 -51.18 -30.12
C ALA E 159 11.24 -51.32 -30.52
N VAL E 160 10.44 -50.27 -30.35
CA VAL E 160 9.06 -50.25 -30.81
C VAL E 160 8.84 -48.96 -31.58
N PHE E 161 9.83 -48.06 -31.53
CA PHE E 161 9.79 -46.79 -32.25
C PHE E 161 11.05 -46.65 -33.08
N HIS E 162 10.89 -46.13 -34.29
CA HIS E 162 12.03 -45.95 -35.19
C HIS E 162 12.87 -44.74 -34.76
N PRO E 163 14.16 -44.76 -35.04
CA PRO E 163 14.99 -43.57 -34.77
C PRO E 163 14.61 -42.36 -35.61
N HIS E 164 13.86 -42.54 -36.71
CA HIS E 164 13.41 -41.40 -37.49
C HIS E 164 12.48 -40.49 -36.71
N PHE E 165 11.82 -41.01 -35.66
CA PHE E 165 10.97 -40.17 -34.83
C PHE E 165 11.77 -39.08 -34.13
N VAL E 166 12.93 -39.44 -33.58
CA VAL E 166 13.77 -38.45 -32.93
C VAL E 166 14.31 -37.46 -33.95
N LEU E 167 14.59 -37.91 -35.18
CA LEU E 167 15.00 -36.99 -36.22
C LEU E 167 13.91 -35.98 -36.54
N THR E 168 12.65 -36.44 -36.57
CA THR E 168 11.54 -35.52 -36.85
C THR E 168 11.35 -34.52 -35.70
N LEU E 169 11.37 -35.01 -34.46
CA LEU E 169 11.24 -34.11 -33.31
C LEU E 169 12.41 -33.15 -33.23
N SER E 170 13.56 -33.54 -33.79
CA SER E 170 14.71 -32.64 -33.85
C SER E 170 14.54 -31.61 -34.96
N CYS E 171 13.96 -32.01 -36.09
CA CYS E 171 13.86 -31.11 -37.24
C CYS E 171 12.75 -30.07 -37.06
N VAL E 172 11.50 -30.54 -36.90
CA VAL E 172 10.39 -29.59 -36.80
C VAL E 172 10.05 -29.25 -35.36
N GLY E 173 10.84 -29.72 -34.40
CA GLY E 173 10.57 -29.55 -32.99
C GLY E 173 11.55 -28.67 -32.26
N PHE E 174 12.54 -29.31 -31.64
CA PHE E 174 13.36 -28.67 -30.61
C PHE E 174 14.11 -27.45 -31.15
N PHE E 175 14.74 -27.57 -32.31
CA PHE E 175 15.59 -26.46 -32.75
C PHE E 175 14.85 -25.17 -33.10
N PRO E 176 13.73 -25.18 -33.81
CA PRO E 176 12.96 -23.93 -33.96
C PRO E 176 12.54 -23.33 -32.63
N ALA E 177 12.15 -24.17 -31.67
CA ALA E 177 11.80 -23.68 -30.34
C ALA E 177 13.00 -23.03 -29.68
N MET E 178 14.17 -23.63 -29.82
CA MET E 178 15.38 -23.05 -29.23
C MET E 178 15.76 -21.74 -29.90
N LEU E 179 15.58 -21.64 -31.21
CA LEU E 179 15.86 -20.39 -31.90
C LEU E 179 14.94 -19.28 -31.41
N LEU E 180 13.64 -19.59 -31.26
CA LEU E 180 12.71 -18.61 -30.71
C LEU E 180 13.09 -18.21 -29.29
N PHE E 181 13.46 -19.19 -28.47
CA PHE E 181 13.89 -18.92 -27.09
C PHE E 181 15.06 -17.96 -27.05
N VAL E 182 16.09 -18.25 -27.85
CA VAL E 182 17.30 -17.44 -27.85
C VAL E 182 17.00 -16.03 -28.35
N PHE E 183 16.20 -15.91 -29.41
CA PHE E 183 15.85 -14.59 -29.92
C PHE E 183 15.09 -13.77 -28.88
N PHE E 184 14.13 -14.40 -28.21
CA PHE E 184 13.34 -13.69 -27.20
C PHE E 184 14.23 -13.17 -26.06
N TYR E 185 15.09 -14.03 -25.53
CA TYR E 185 15.92 -13.58 -24.42
C TYR E 185 17.02 -12.62 -24.87
N CYS E 186 17.49 -12.71 -26.11
CA CYS E 186 18.43 -11.70 -26.59
C CYS E 186 17.77 -10.33 -26.67
N ASP E 187 16.53 -10.27 -27.17
CA ASP E 187 15.81 -9.01 -27.21
C ASP E 187 15.57 -8.46 -25.81
N MET E 188 15.17 -9.32 -24.87
CA MET E 188 14.97 -8.89 -23.50
C MET E 188 16.26 -8.35 -22.89
N LEU E 189 17.39 -9.02 -23.17
CA LEU E 189 18.67 -8.54 -22.68
C LEU E 189 19.03 -7.17 -23.25
N LYS E 190 18.76 -6.95 -24.53
CA LYS E 190 19.03 -5.66 -25.14
C LYS E 190 18.20 -4.55 -24.49
N ILE E 191 16.90 -4.81 -24.27
CA ILE E 191 16.04 -3.82 -23.63
C ILE E 191 16.52 -3.53 -22.20
N ALA E 192 16.86 -4.58 -21.46
CA ALA E 192 17.35 -4.40 -20.10
C ALA E 192 18.63 -3.59 -20.07
N SER E 193 19.52 -3.82 -21.06
CA SER E 193 20.77 -3.07 -21.10
C SER E 193 20.52 -1.58 -21.35
N MET E 194 19.62 -1.25 -22.28
CA MET E 194 19.32 0.16 -22.50
C MET E 194 18.75 0.82 -21.24
N HIS E 195 17.80 0.15 -20.58
CA HIS E 195 17.22 0.72 -19.37
C HIS E 195 18.28 0.89 -18.28
N SER E 196 19.16 -0.10 -18.12
CA SER E 196 20.18 -0.01 -17.09
C SER E 196 21.17 1.11 -17.37
N GLN E 197 21.51 1.34 -18.64
CA GLN E 197 22.39 2.45 -18.97
C GLN E 197 21.75 3.79 -18.65
N GLN E 198 20.45 3.94 -18.97
CA GLN E 198 19.76 5.18 -18.62
C GLN E 198 19.74 5.40 -17.11
N ILE E 199 19.46 4.33 -16.36
CA ILE E 199 19.45 4.42 -14.90
C ILE E 199 20.81 4.84 -14.38
N ARG E 200 21.89 4.24 -14.90
CA ARG E 200 23.22 4.53 -14.41
C ARG E 200 23.65 5.95 -14.73
N LYS E 201 23.32 6.44 -15.93
CA LYS E 201 23.64 7.81 -16.27
C LYS E 201 22.92 8.79 -15.35
N MET E 202 21.63 8.56 -15.11
CA MET E 202 20.89 9.45 -14.21
C MET E 202 21.43 9.39 -12.79
N GLU E 203 21.82 8.19 -12.34
CA GLU E 203 22.33 8.05 -10.98
C GLU E 203 23.67 8.77 -10.82
N HIS E 204 24.54 8.67 -11.82
CA HIS E 204 25.81 9.39 -11.77
C HIS E 204 25.58 10.90 -11.79
N ALA E 205 24.66 11.37 -12.63
CA ALA E 205 24.36 12.81 -12.64
C ALA E 205 23.82 13.28 -11.30
N GLY E 206 22.98 12.45 -10.67
CA GLY E 206 22.46 12.81 -9.35
C GLY E 206 23.52 12.86 -8.28
N ALA E 207 24.42 11.87 -8.27
CA ALA E 207 25.45 11.81 -7.24
C ALA E 207 26.61 12.76 -7.50
N MET E 208 26.73 13.31 -8.71
CA MET E 208 27.83 14.25 -9.00
C MET E 208 27.63 15.56 -8.25
N ALA E 209 26.42 16.11 -8.29
CA ALA E 209 26.16 17.41 -7.69
C ALA E 209 25.87 17.36 -6.19
N GLY E 210 25.69 16.17 -5.63
CA GLY E 210 25.35 16.05 -4.23
C GLY E 210 26.54 15.66 -3.37
N GLY E 211 27.74 15.85 -3.88
CA GLY E 211 28.91 15.36 -3.16
C GLY E 211 29.03 13.85 -3.26
N TYR E 212 29.97 13.31 -2.48
CA TYR E 212 30.35 11.89 -2.52
C TYR E 212 30.42 11.33 -3.94
N ASP E 220 25.56 -3.56 -14.27
CA ASP E 220 26.82 -4.20 -14.65
C ASP E 220 26.57 -5.49 -15.40
N PHE E 221 26.75 -6.62 -14.72
CA PHE E 221 26.50 -7.94 -15.30
C PHE E 221 25.51 -8.67 -14.39
N LYS E 222 24.24 -8.40 -14.61
CA LYS E 222 23.17 -9.07 -13.89
C LYS E 222 22.16 -9.72 -14.83
N ALA E 223 21.84 -9.07 -15.95
CA ALA E 223 20.99 -9.70 -16.94
C ALA E 223 21.73 -10.80 -17.70
N LEU E 224 23.05 -10.66 -17.89
CA LEU E 224 23.80 -11.69 -18.57
C LEU E 224 23.78 -13.00 -17.81
N ARG E 225 23.94 -12.95 -16.49
CA ARG E 225 23.95 -14.18 -15.70
C ARG E 225 22.62 -14.91 -15.81
N THR E 226 21.50 -14.18 -15.64
CA THR E 226 20.20 -14.82 -15.70
C THR E 226 19.88 -15.34 -17.08
N VAL E 227 20.21 -14.58 -18.13
CA VAL E 227 19.95 -15.03 -19.49
C VAL E 227 20.77 -16.28 -19.79
N SER E 228 22.04 -16.29 -19.38
CA SER E 228 22.88 -17.46 -19.60
C SER E 228 22.34 -18.67 -18.85
N VAL E 229 21.91 -18.48 -17.60
CA VAL E 229 21.36 -19.60 -16.84
C VAL E 229 20.12 -20.17 -17.52
N LEU E 230 19.21 -19.29 -17.95
CA LEU E 230 17.98 -19.75 -18.58
C LEU E 230 18.26 -20.48 -19.90
N ILE E 231 19.14 -19.91 -20.73
CA ILE E 231 19.42 -20.51 -22.03
C ILE E 231 20.14 -21.84 -21.86
N GLY E 232 21.13 -21.90 -20.96
CA GLY E 232 21.83 -23.14 -20.72
C GLY E 232 20.93 -24.22 -20.15
N SER E 233 20.01 -23.84 -19.26
CA SER E 233 19.05 -24.80 -18.74
C SER E 233 18.17 -25.36 -19.84
N PHE E 234 17.66 -24.49 -20.71
CA PHE E 234 16.82 -24.99 -21.80
C PHE E 234 17.61 -25.73 -22.86
N ALA E 235 18.93 -25.56 -22.90
CA ALA E 235 19.74 -26.08 -24.00
C ALA E 235 20.35 -27.46 -23.71
N LEU E 236 21.17 -27.56 -22.67
CA LEU E 236 22.00 -28.74 -22.48
C LEU E 236 21.22 -29.97 -22.03
N CYS E 237 19.94 -29.84 -21.68
CA CYS E 237 19.21 -30.97 -21.14
C CYS E 237 18.87 -31.99 -22.23
N TRP E 238 18.41 -31.53 -23.40
CA TRP E 238 17.96 -32.44 -24.45
C TRP E 238 18.82 -32.45 -25.70
N THR E 239 19.71 -31.47 -25.89
CA THR E 239 20.50 -31.43 -27.11
C THR E 239 21.41 -32.63 -27.31
N PRO E 240 22.14 -33.15 -26.32
CA PRO E 240 22.95 -34.35 -26.57
C PRO E 240 22.12 -35.53 -27.08
N PHE E 241 20.94 -35.75 -26.50
CA PHE E 241 20.08 -36.85 -26.92
C PHE E 241 19.70 -36.70 -28.38
N LEU E 242 19.29 -35.50 -28.79
CA LEU E 242 18.82 -35.31 -30.16
C LEU E 242 19.97 -35.36 -31.17
N ILE E 243 21.14 -34.81 -30.82
CA ILE E 243 22.25 -34.87 -31.77
C ILE E 243 22.76 -36.30 -31.89
N THR E 244 22.76 -37.06 -30.79
CA THR E 244 23.15 -38.47 -30.88
C THR E 244 22.13 -39.26 -31.71
N GLY E 245 20.84 -38.93 -31.59
CA GLY E 245 19.85 -39.54 -32.46
C GLY E 245 20.10 -39.23 -33.92
N ILE E 246 20.45 -37.99 -34.23
CA ILE E 246 20.75 -37.61 -35.62
C ILE E 246 21.97 -38.38 -36.11
N VAL E 247 23.01 -38.48 -35.28
CA VAL E 247 24.22 -39.19 -35.67
C VAL E 247 23.91 -40.67 -35.92
N GLN E 248 23.09 -41.28 -35.06
CA GLN E 248 22.72 -42.68 -35.24
C GLN E 248 21.89 -42.87 -36.51
N VAL E 249 20.99 -41.93 -36.82
CA VAL E 249 20.17 -42.08 -38.02
C VAL E 249 21.03 -41.96 -39.27
N ALA E 250 22.06 -41.11 -39.23
CA ALA E 250 22.85 -40.78 -40.41
C ALA E 250 24.00 -41.73 -40.66
N CYS E 251 24.12 -42.82 -39.88
CA CYS E 251 25.20 -43.77 -40.08
C CYS E 251 24.78 -45.12 -39.54
N GLN E 252 25.55 -46.15 -39.88
CA GLN E 252 25.28 -47.51 -39.42
C GLN E 252 26.14 -47.85 -38.21
N GLU E 253 25.89 -47.13 -37.12
CA GLU E 253 26.51 -47.39 -35.82
C GLU E 253 25.37 -47.53 -34.81
N CYS E 254 24.83 -48.74 -34.69
CA CYS E 254 23.63 -48.96 -33.90
C CYS E 254 23.92 -49.11 -32.41
N HIS E 255 25.19 -49.20 -32.01
CA HIS E 255 25.52 -49.32 -30.59
C HIS E 255 24.98 -48.15 -29.79
N LEU E 256 24.82 -46.99 -30.43
CA LEU E 256 24.29 -45.83 -29.74
C LEU E 256 22.89 -46.08 -29.19
N TYR E 257 22.16 -47.06 -29.73
CA TYR E 257 20.86 -47.41 -29.15
C TYR E 257 20.98 -47.67 -27.66
N LEU E 258 22.07 -48.30 -27.22
CA LEU E 258 22.27 -48.48 -25.79
C LEU E 258 22.44 -47.13 -25.10
N VAL E 259 23.38 -46.31 -25.58
CA VAL E 259 23.72 -45.07 -24.89
C VAL E 259 22.50 -44.17 -24.81
N LEU E 260 21.79 -44.04 -25.92
CA LEU E 260 20.62 -43.15 -25.97
C LEU E 260 19.59 -43.49 -24.92
N GLU E 261 19.56 -44.74 -24.44
CA GLU E 261 18.57 -45.11 -23.44
C GLU E 261 19.07 -44.97 -22.01
N ARG E 262 20.38 -45.02 -21.78
CA ARG E 262 20.89 -45.26 -20.43
C ARG E 262 21.50 -44.02 -19.80
N TYR E 263 22.43 -43.36 -20.48
CA TYR E 263 23.09 -42.18 -19.92
C TYR E 263 22.43 -40.89 -20.40
N LEU E 264 22.47 -40.64 -21.71
CA LEU E 264 22.02 -39.35 -22.22
C LEU E 264 20.56 -39.08 -21.88
N TRP E 265 19.72 -40.12 -21.91
CA TRP E 265 18.31 -39.94 -21.59
C TRP E 265 18.14 -39.39 -20.17
N LEU E 266 18.93 -39.89 -19.22
CA LEU E 266 18.87 -39.35 -17.86
C LEU E 266 19.10 -37.85 -17.87
N LEU E 267 20.06 -37.39 -18.66
CA LEU E 267 20.31 -35.96 -18.78
C LEU E 267 19.03 -35.21 -19.11
N GLY E 268 18.27 -35.72 -20.09
CA GLY E 268 17.02 -35.09 -20.44
C GLY E 268 16.04 -35.08 -19.29
N VAL E 269 15.96 -36.18 -18.54
CA VAL E 269 15.06 -36.21 -17.39
C VAL E 269 15.49 -35.18 -16.35
N GLY E 270 16.78 -34.85 -16.32
CA GLY E 270 17.24 -33.83 -15.41
C GLY E 270 16.58 -32.48 -15.63
N ASN E 271 15.99 -32.27 -16.81
CA ASN E 271 15.29 -31.01 -17.06
C ASN E 271 14.09 -30.83 -16.15
N SER E 272 13.61 -31.90 -15.50
CA SER E 272 12.50 -31.79 -14.57
C SER E 272 12.98 -31.53 -13.14
N LEU E 273 14.29 -31.38 -12.93
CA LEU E 273 14.81 -30.96 -11.64
C LEU E 273 15.29 -29.52 -11.62
N LEU E 274 15.79 -29.03 -12.76
CA LEU E 274 16.17 -27.62 -12.86
C LEU E 274 14.96 -26.71 -12.98
N ASN E 275 13.88 -27.20 -13.58
CA ASN E 275 12.71 -26.36 -13.81
C ASN E 275 12.09 -25.82 -12.52
N PRO E 276 11.82 -26.62 -11.48
CA PRO E 276 11.33 -26.02 -10.23
C PRO E 276 12.32 -25.08 -9.58
N LEU E 277 13.62 -25.31 -9.76
CA LEU E 277 14.65 -24.50 -9.14
C LEU E 277 14.85 -23.16 -9.83
N ILE E 278 14.39 -23.00 -11.06
CA ILE E 278 14.59 -21.80 -11.84
C ILE E 278 13.32 -20.97 -11.96
N TYR E 279 12.24 -21.59 -12.44
CA TYR E 279 11.01 -20.87 -12.70
C TYR E 279 10.12 -20.72 -11.47
N ALA E 280 10.48 -21.32 -10.35
CA ALA E 280 9.70 -21.19 -9.13
C ALA E 280 10.54 -20.75 -7.94
N TYR E 281 11.80 -21.17 -7.85
CA TYR E 281 12.61 -20.82 -6.69
C TYR E 281 13.08 -19.37 -6.75
N TRP E 282 13.47 -18.87 -7.93
CA TRP E 282 13.91 -17.48 -8.02
C TRP E 282 12.78 -16.51 -7.70
N GLN E 283 11.55 -16.84 -8.09
CA GLN E 283 10.42 -15.97 -7.76
C GLN E 283 10.35 -15.77 -6.26
N LYS E 284 10.50 -14.51 -5.83
CA LYS E 284 10.71 -14.23 -4.41
C LYS E 284 9.50 -14.65 -3.57
N GLU E 285 8.29 -14.34 -4.02
CA GLU E 285 7.12 -14.65 -3.22
C GLU E 285 6.88 -16.15 -3.11
N VAL E 286 7.20 -16.91 -4.16
CA VAL E 286 7.11 -18.37 -4.08
C VAL E 286 8.07 -18.90 -3.02
N ARG E 287 9.29 -18.37 -2.99
CA ARG E 287 10.26 -18.80 -1.99
C ARG E 287 9.81 -18.41 -0.58
N LEU E 288 9.26 -17.22 -0.42
CA LEU E 288 8.79 -16.81 0.91
C LEU E 288 7.64 -17.68 1.39
N GLN E 289 6.71 -18.01 0.49
CA GLN E 289 5.61 -18.89 0.91
C GLN E 289 6.13 -20.30 1.20
N LEU E 290 7.12 -20.77 0.44
CA LEU E 290 7.74 -22.05 0.74
C LEU E 290 8.37 -22.04 2.12
N TYR E 291 9.07 -20.95 2.47
CA TYR E 291 9.63 -20.83 3.81
C TYR E 291 8.53 -20.85 4.86
N HIS E 292 7.44 -20.13 4.63
CA HIS E 292 6.35 -20.07 5.60
C HIS E 292 5.74 -21.45 5.82
N MET E 293 5.47 -22.18 4.75
CA MET E 293 4.87 -23.50 4.89
C MET E 293 5.86 -24.49 5.52
N ALA E 294 7.15 -24.38 5.21
CA ALA E 294 8.14 -25.24 5.84
C ALA E 294 8.18 -25.00 7.34
N LEU E 295 8.18 -23.72 7.76
CA LEU E 295 8.16 -23.42 9.18
C LEU E 295 6.89 -23.94 9.84
N GLY E 296 5.74 -23.72 9.20
CA GLY E 296 4.48 -24.18 9.78
C GLY E 296 4.41 -25.67 9.94
N VAL E 297 4.91 -26.43 8.95
CA VAL E 297 4.85 -27.88 9.02
C VAL E 297 5.90 -28.42 10.00
N LYS E 298 7.14 -27.92 9.91
CA LYS E 298 8.19 -28.43 10.77
C LYS E 298 7.91 -28.14 12.24
N LYS E 299 7.42 -26.95 12.55
CA LYS E 299 7.10 -26.62 13.93
C LYS E 299 5.97 -27.49 14.45
N VAL E 300 4.96 -27.76 13.62
CA VAL E 300 3.82 -28.56 14.03
C VAL E 300 3.99 -30.00 13.57
C1 8WL F . 9.23 -28.74 -28.46
C2 8WL F . 8.74 -30.17 -28.65
C3 8WL F . 8.25 -30.38 -30.09
C4 8WL F . 9.84 -31.17 -28.31
C7 8WL F . 11.04 -32.56 -27.23
C8 8WL F . 11.60 -33.44 -26.11
C9 8WL F . 12.43 -34.28 -26.96
C10 8WL F . 11.77 -35.58 -27.42
C12 8WL F . 11.57 -37.88 -26.26
C14 8WL F . 12.26 -39.74 -27.42
C16 8WL F . 11.84 -39.99 -25.18
C18 8WL F . 12.24 -42.06 -23.58
C19 8WL F . 11.56 -42.72 -22.57
C20 8WL F . 11.98 -43.96 -22.12
C21 8WL F . 13.07 -44.56 -22.71
C23 8WL F . 12.38 -46.87 -20.96
C26 8WL F . 13.76 -43.90 -23.71
C27 8WL F . 13.35 -42.65 -24.15
C29 8WL F . 11.50 -38.66 -25.11
C33 8WL F . 11.22 -35.59 -25.04
C34 8WL F . 10.67 -34.21 -25.32
F28 8WL F . 14.06 -42.04 -25.15
N5 8WL F . 10.77 -31.59 -29.14
N11 8WL F . 11.25 -36.46 -26.29
N13 8WL F . 11.96 -38.46 -27.38
N15 8WL F . 12.21 -40.51 -26.34
N17 8WL F . 11.72 -40.75 -23.94
N30 8WL F . 11.09 -38.16 -23.82
N35 8WL F . 10.00 -31.77 -27.15
O6 8WL F . 11.55 -32.46 -28.46
O24 8WL F . 14.92 -46.14 -21.50
O25 8WL F . 13.82 -47.11 -23.23
O31 8WL F . 9.96 -38.03 -23.59
O32 8WL F . 11.89 -37.92 -23.00
S22 8WL F . 13.60 -46.19 -22.11
#